data_3JWO
#
_entry.id   3JWO
#
_cell.length_a   190.000
_cell.length_b   190.000
_cell.length_c   103.302
_cell.angle_alpha   90.00
_cell.angle_beta   90.00
_cell.angle_gamma   90.00
#
_symmetry.space_group_name_H-M   'P 41 21 2'
#
loop_
_entity.id
_entity.type
_entity.pdbx_description
1 polymer 'HIV-1 GP120 ENVELOPE GLYCOPROTEIN'
2 polymer 'T-cell surface glycoprotein CD4'
3 polymer 'FAB 48D LIGHT CHAIN'
4 polymer 'FAB 48D Heavy CHAIN'
5 branched beta-L-fucopyranose-(1-6)-2-acetamido-2-deoxy-beta-D-glucopyranose
6 non-polymer 2-acetamido-2-deoxy-beta-D-glucopyranose
#
loop_
_entity_poly.entity_id
_entity_poly.type
_entity_poly.pdbx_seq_one_letter_code
_entity_poly.pdbx_strand_id
1 'polypeptide(L)'
;LWVTVYYGVPVWKEATTTLFCASDAKAYDTEVHNVWATHACVPTDPNPQEVVLVNVTENFNMWKNDMVEQMHEDIISLWD
QSLKPCVKLTGGSVITQACPKVSFEPIPIHYCAPAGFAILKCNNKTFNGTGPCTNVSTVQCTHGIRPVVSSQLLLNGSLA
EEEVVIRSVNFTDNAKTIIVQLNTSVEINCTGAGHCNIARAKWNNTLKQIASKLREQFGNNKTIIFKQSSGGDPEIVTHW
FNCGGEFFYCNSTQLFNSTWFNSTWSTTEGSDTITLPCRIKQIINMWQKVGKAMYAPPISGQIRCSSNITGLLLTRDGGN
SNNESEIFRPGGGDMRDNWRSELYKYKVVKIEPLGVA
;
A
2 'polypeptide(L)'
;MKKVVLGKKGDTVELTCTASQKKSIQFHWKNSNQIKILGNQGSFLTKGPSKLNDRADSRRSLWDQGNFPLIIKNLKIEDS
DTYICEVEDQKEEVQLLVFGLTANSDTHLLQGQSLTLTLESPPGSSPSVQCRSPRGKNIQGGKTLSVSQLELQDSGTWTC
TVLQNQKKVEFKIDIVVLAFQKAS
;
C
3 'polypeptide(L)'
;DIQMTQSPSSVSASVGDRVTITCRASQDISTWLAWYQQKPGKAPKLLIYAASTLQSGVPSRFSGSGSGTDFSLTINSLQP
EDFATYYCQQANSFFTFGGGTKVEIKRTVAAPSVFIFPPSDEQLKSGTASVVCLLNNFYPREAKVQWKVDNALQSGNSQE
SVTEQDSKDSTYSLSSTLTLSKADYEKHKLYACEVTHQGLSSPVTKSFN
;
L
4 'polypeptide(L)'
;EVQLVQSGAEVKKPGATVKISCKASGYTFSDFYMYWVRQAPGKGLEWMGLIDPEDADTMYAEKFRGRVTITADTSTDTGY
LELSSLRSEDTAVYYCAADPWELNAFNVWGQGTLVSVSSASTKGPSVFPLAPSSKSTSGGTAALGCLVKDYFPEPVTVSW
NSGALTSGVHTFPAVLQSSGLYSLSSVVTVPSSSLGTQTYICNVNHKPSNTKVDKKVEPK
;
H
#
# COMPACT_ATOMS: atom_id res chain seq x y z
N LEU A 1 -37.03 -34.87 63.83
CA LEU A 1 -37.31 -35.83 64.90
C LEU A 1 -37.30 -35.15 66.26
N TRP A 2 -37.87 -33.95 66.32
CA TRP A 2 -37.94 -33.20 67.56
C TRP A 2 -36.63 -32.44 67.83
N VAL A 3 -35.80 -32.34 66.79
CA VAL A 3 -34.53 -31.65 66.91
C VAL A 3 -34.50 -30.66 65.75
N THR A 4 -35.32 -29.61 65.86
CA THR A 4 -35.39 -28.59 64.81
C THR A 4 -34.00 -28.07 64.47
N VAL A 5 -33.65 -28.16 63.18
CA VAL A 5 -32.35 -27.71 62.72
C VAL A 5 -32.48 -26.41 61.91
N TYR A 6 -31.64 -25.43 62.23
CA TYR A 6 -31.66 -24.15 61.54
C TYR A 6 -30.52 -24.06 60.52
N TYR A 7 -30.88 -23.87 59.25
CA TYR A 7 -29.89 -23.77 58.18
C TYR A 7 -29.56 -22.33 57.82
N GLY A 8 -28.29 -22.05 57.58
CA GLY A 8 -27.85 -20.77 57.06
C GLY A 8 -27.61 -20.88 55.57
N VAL A 9 -28.63 -20.54 54.79
CA VAL A 9 -28.58 -20.67 53.33
C VAL A 9 -27.83 -19.50 52.70
N PRO A 10 -26.98 -19.79 51.69
CA PRO A 10 -26.20 -18.75 51.01
C PRO A 10 -27.07 -17.86 50.12
N VAL A 11 -26.65 -16.61 49.94
CA VAL A 11 -27.33 -15.69 49.04
C VAL A 11 -26.34 -14.91 48.18
N TRP A 12 -26.58 -14.90 46.88
CA TRP A 12 -25.71 -14.20 45.95
C TRP A 12 -26.53 -13.42 44.91
N LYS A 13 -25.84 -12.63 44.08
CA LYS A 13 -26.51 -11.87 43.01
C LYS A 13 -25.53 -11.58 41.88
N GLU A 14 -26.03 -11.65 40.65
CA GLU A 14 -25.21 -11.28 39.48
C GLU A 14 -24.49 -9.96 39.72
N ALA A 15 -23.22 -9.92 39.37
CA ALA A 15 -22.44 -8.70 39.54
C ALA A 15 -21.22 -8.63 38.62
N THR A 16 -20.53 -7.49 38.66
CA THR A 16 -19.34 -7.29 37.85
C THR A 16 -18.23 -6.65 38.67
N THR A 17 -17.03 -7.20 38.54
CA THR A 17 -15.87 -6.68 39.26
C THR A 17 -14.61 -7.03 38.49
N THR A 18 -13.52 -6.34 38.78
CA THR A 18 -12.24 -6.64 38.17
C THR A 18 -11.64 -7.92 38.78
N LEU A 19 -11.51 -8.95 37.96
CA LEU A 19 -10.91 -10.21 38.41
C LEU A 19 -9.40 -10.15 38.26
N PHE A 20 -8.70 -11.00 39.00
CA PHE A 20 -7.27 -11.19 38.80
C PHE A 20 -7.04 -12.52 38.11
N CYS A 21 -5.78 -12.88 37.90
CA CYS A 21 -5.48 -14.08 37.13
C CYS A 21 -4.29 -14.85 37.70
N ALA A 22 -4.23 -16.14 37.37
CA ALA A 22 -3.18 -17.01 37.87
C ALA A 22 -2.62 -17.86 36.73
N SER A 23 -1.30 -18.09 36.75
CA SER A 23 -0.65 -18.81 35.68
C SER A 23 0.57 -19.57 36.18
N ASP A 24 0.98 -20.57 35.41
CA ASP A 24 2.21 -21.32 35.70
C ASP A 24 3.38 -20.70 34.96
N ALA A 25 3.39 -19.36 34.90
CA ALA A 25 4.44 -18.62 34.21
C ALA A 25 5.79 -18.80 34.90
N LYS A 26 6.86 -18.65 34.14
CA LYS A 26 8.20 -18.78 34.68
C LYS A 26 8.94 -17.46 34.58
N ALA A 27 9.58 -17.05 35.68
CA ALA A 27 10.29 -15.79 35.74
C ALA A 27 11.64 -15.85 35.03
N TYR A 28 11.96 -17.00 34.45
CA TYR A 28 13.21 -17.17 33.72
C TYR A 28 12.98 -17.31 32.22
N ASP A 29 11.72 -17.43 31.83
CA ASP A 29 11.37 -17.52 30.41
C ASP A 29 11.15 -16.12 29.85
N THR A 30 11.82 -15.83 28.74
CA THR A 30 11.79 -14.49 28.15
C THR A 30 10.75 -14.37 27.03
N GLU A 31 9.86 -15.36 26.93
CA GLU A 31 8.77 -15.29 25.96
C GLU A 31 7.66 -14.39 26.51
N VAL A 32 6.95 -13.72 25.62
CA VAL A 32 6.05 -12.63 25.98
C VAL A 32 4.92 -13.01 26.95
N HIS A 33 4.27 -14.14 26.72
CA HIS A 33 3.19 -14.58 27.60
C HIS A 33 3.69 -14.79 29.03
N ASN A 34 4.80 -15.52 29.18
CA ASN A 34 5.39 -15.75 30.49
C ASN A 34 5.81 -14.45 31.15
N VAL A 35 6.39 -13.55 30.36
CA VAL A 35 6.81 -12.26 30.86
C VAL A 35 5.64 -11.43 31.37
N TRP A 36 4.56 -11.41 30.60
CA TRP A 36 3.37 -10.64 30.95
C TRP A 36 2.69 -11.25 32.16
N ALA A 37 2.48 -12.55 32.11
CA ALA A 37 1.80 -13.29 33.19
C ALA A 37 2.52 -13.09 34.51
N THR A 38 3.85 -13.20 34.49
CA THR A 38 4.64 -13.05 35.70
C THR A 38 4.30 -11.75 36.44
N HIS A 39 4.50 -10.63 35.77
CA HIS A 39 4.22 -9.32 36.35
C HIS A 39 2.76 -8.90 36.54
N ALA A 40 1.85 -9.83 36.29
CA ALA A 40 0.43 -9.57 36.07
C ALA A 40 -0.45 -10.74 36.49
N CYS A 41 0.12 -11.66 37.26
CA CYS A 41 -0.61 -12.82 37.73
C CYS A 41 -0.09 -13.44 39.02
N VAL A 42 -0.75 -14.50 39.45
CA VAL A 42 -0.44 -15.15 40.71
C VAL A 42 -0.07 -16.61 40.46
N PRO A 43 0.79 -17.18 41.31
CA PRO A 43 1.05 -18.62 41.24
C PRO A 43 -0.25 -19.43 41.26
N THR A 44 -0.15 -20.72 40.99
CA THR A 44 -1.32 -21.54 40.69
C THR A 44 -1.91 -22.27 41.89
N ASP A 45 -2.68 -23.32 41.58
CA ASP A 45 -3.70 -23.90 42.46
C ASP A 45 -3.25 -24.56 43.78
N PRO A 46 -2.61 -25.75 43.73
CA PRO A 46 -2.37 -26.70 42.63
C PRO A 46 -3.37 -27.84 42.64
N ASN A 47 -4.21 -27.90 43.69
CA ASN A 47 -5.30 -28.87 43.76
C ASN A 47 -6.65 -28.17 43.85
N PRO A 48 -7.21 -27.81 42.70
CA PRO A 48 -8.47 -27.06 42.63
C PRO A 48 -9.68 -27.88 43.04
N GLN A 49 -10.60 -27.25 43.77
CA GLN A 49 -11.84 -27.89 44.17
C GLN A 49 -13.01 -26.94 44.06
N GLU A 50 -14.19 -27.49 43.75
CA GLU A 50 -15.40 -26.71 43.61
C GLU A 50 -16.46 -27.10 44.64
N VAL A 51 -17.34 -26.18 44.99
CA VAL A 51 -18.43 -26.46 45.91
C VAL A 51 -19.72 -26.74 45.17
N VAL A 52 -19.98 -28.00 44.87
CA VAL A 52 -21.26 -28.40 44.27
C VAL A 52 -22.42 -27.90 45.11
N LEU A 53 -23.41 -27.29 44.46
CA LEU A 53 -24.60 -26.78 45.15
C LEU A 53 -25.82 -27.62 44.79
N VAL A 54 -26.21 -28.51 45.69
CA VAL A 54 -27.25 -29.50 45.42
C VAL A 54 -28.61 -28.90 45.08
N ASN A 55 -29.28 -29.49 44.10
CA ASN A 55 -30.62 -29.05 43.69
C ASN A 55 -30.77 -27.54 43.53
N VAL A 56 -29.78 -26.93 42.87
CA VAL A 56 -29.79 -25.49 42.59
C VAL A 56 -29.81 -25.26 41.08
N THR A 57 -30.69 -24.36 40.63
CA THR A 57 -30.76 -23.99 39.23
C THR A 57 -30.38 -22.54 39.03
N GLU A 58 -29.54 -22.28 38.02
CA GLU A 58 -29.04 -20.95 37.75
C GLU A 58 -29.07 -20.67 36.25
N ASN A 59 -29.35 -19.43 35.89
CA ASN A 59 -29.39 -19.04 34.48
C ASN A 59 -28.10 -18.39 34.01
N PHE A 60 -27.63 -18.80 32.84
CA PHE A 60 -26.40 -18.26 32.27
C PHE A 60 -26.67 -17.51 30.97
N ASN A 61 -25.64 -16.82 30.49
CA ASN A 61 -25.72 -16.11 29.22
C ASN A 61 -24.34 -15.76 28.70
N MET A 62 -23.71 -16.71 28.01
CA MET A 62 -22.35 -16.55 27.51
C MET A 62 -22.20 -15.32 26.62
N TRP A 63 -23.29 -14.94 25.95
CA TRP A 63 -23.24 -13.84 24.99
C TRP A 63 -23.34 -12.49 25.68
N LYS A 64 -23.41 -12.51 27.00
CA LYS A 64 -23.44 -11.28 27.79
C LYS A 64 -22.69 -11.52 29.08
N ASN A 65 -21.48 -12.07 28.94
CA ASN A 65 -20.62 -12.36 30.08
C ASN A 65 -19.49 -11.34 30.19
N ASP A 66 -19.58 -10.47 31.18
CA ASP A 66 -18.60 -9.41 31.35
C ASP A 66 -17.22 -9.94 31.74
N MET A 67 -17.07 -11.27 31.80
CA MET A 67 -15.76 -11.89 32.02
C MET A 67 -14.98 -11.82 30.72
N VAL A 68 -15.71 -11.98 29.61
CA VAL A 68 -15.13 -11.91 28.27
C VAL A 68 -14.54 -10.55 28.00
N GLU A 69 -15.34 -9.50 28.22
CA GLU A 69 -14.89 -8.15 27.97
C GLU A 69 -13.58 -7.84 28.68
N GLN A 70 -13.42 -8.41 29.88
CA GLN A 70 -12.21 -8.18 30.67
C GLN A 70 -11.01 -8.96 30.13
N MET A 71 -11.25 -10.18 29.68
CA MET A 71 -10.18 -11.01 29.13
C MET A 71 -9.69 -10.42 27.82
N HIS A 72 -10.64 -9.97 27.00
CA HIS A 72 -10.33 -9.34 25.73
C HIS A 72 -9.37 -8.18 25.95
N GLU A 73 -9.69 -7.30 26.90
CA GLU A 73 -8.84 -6.14 27.18
C GLU A 73 -7.45 -6.55 27.64
N ASP A 74 -7.33 -7.70 28.29
CA ASP A 74 -6.05 -8.19 28.78
C ASP A 74 -5.17 -8.71 27.64
N ILE A 75 -5.77 -9.49 26.75
CA ILE A 75 -5.05 -10.03 25.60
C ILE A 75 -4.62 -8.90 24.67
N ILE A 76 -5.47 -7.89 24.54
CA ILE A 76 -5.10 -6.70 23.79
C ILE A 76 -3.90 -6.04 24.47
N SER A 77 -4.02 -5.79 25.77
CA SER A 77 -2.97 -5.15 26.55
C SER A 77 -1.68 -5.96 26.52
N LEU A 78 -1.80 -7.25 26.19
CA LEU A 78 -0.65 -8.12 26.07
C LEU A 78 0.11 -7.86 24.77
N TRP A 79 -0.63 -7.89 23.66
CA TRP A 79 -0.02 -7.69 22.35
C TRP A 79 0.61 -6.32 22.22
N ASP A 80 0.07 -5.33 22.93
CA ASP A 80 0.57 -3.96 22.88
C ASP A 80 2.03 -3.89 23.30
N GLN A 81 2.36 -4.58 24.39
CA GLN A 81 3.73 -4.57 24.92
C GLN A 81 4.56 -5.75 24.39
N SER A 82 3.90 -6.66 23.69
CA SER A 82 4.57 -7.86 23.17
C SER A 82 4.93 -7.74 21.68
N LEU A 83 3.98 -8.04 20.81
CA LEU A 83 4.21 -7.97 19.37
C LEU A 83 4.26 -6.55 18.85
N LYS A 84 5.47 -5.98 18.84
CA LYS A 84 5.70 -4.65 18.32
C LYS A 84 5.85 -4.71 16.80
N PRO A 85 4.92 -4.06 16.08
CA PRO A 85 4.98 -4.01 14.63
C PRO A 85 5.95 -2.92 14.20
N CYS A 86 6.37 -2.94 12.94
CA CYS A 86 7.27 -1.93 12.42
C CYS A 86 6.47 -0.69 12.05
N VAL A 87 5.25 -0.91 11.54
CA VAL A 87 4.38 0.19 11.16
C VAL A 87 2.98 -0.02 11.72
N LYS A 88 2.35 1.06 12.16
CA LYS A 88 1.00 0.98 12.70
C LYS A 88 0.13 2.05 12.08
N LEU A 89 -0.83 1.62 11.26
CA LEU A 89 -1.73 2.54 10.58
C LEU A 89 -3.09 2.53 11.27
N THR A 90 -3.43 3.65 11.93
CA THR A 90 -4.71 3.76 12.61
C THR A 90 -5.25 5.19 12.60
N GLY A 91 -6.40 5.37 11.95
CA GLY A 91 -7.09 6.64 11.95
C GLY A 91 -6.32 7.78 11.32
N GLY A 92 -5.89 7.59 10.07
CA GLY A 92 -5.15 8.59 9.33
C GLY A 92 -3.78 8.87 9.93
N SER A 93 -3.41 8.06 10.91
CA SER A 93 -2.15 8.24 11.61
C SER A 93 -1.19 7.09 11.31
N VAL A 94 0.09 7.41 11.12
CA VAL A 94 1.11 6.41 10.83
C VAL A 94 2.25 6.46 11.84
N ILE A 95 2.65 5.29 12.31
CA ILE A 95 3.71 5.20 13.31
C ILE A 95 4.78 4.20 12.90
N THR A 96 6.03 4.52 13.21
CA THR A 96 7.16 3.63 12.93
C THR A 96 7.99 3.42 14.19
N GLN A 97 8.42 2.18 14.40
CA GLN A 97 9.15 1.82 15.61
C GLN A 97 9.95 0.54 15.38
N ALA A 98 10.84 0.22 16.30
CA ALA A 98 11.59 -1.02 16.24
C ALA A 98 10.64 -2.21 16.35
N CYS A 99 11.01 -3.32 15.73
CA CYS A 99 10.16 -4.52 15.77
C CYS A 99 11.01 -5.78 15.91
N PRO A 100 11.44 -6.08 17.14
CA PRO A 100 12.25 -7.25 17.44
C PRO A 100 11.44 -8.54 17.39
N LYS A 101 11.98 -9.56 16.73
CA LYS A 101 11.34 -10.87 16.73
C LYS A 101 11.43 -11.47 18.13
N VAL A 102 10.32 -12.02 18.60
CA VAL A 102 10.25 -12.53 19.96
C VAL A 102 9.52 -13.88 20.00
N SER A 103 9.96 -14.76 20.90
CA SER A 103 9.28 -16.04 21.10
C SER A 103 7.84 -15.80 21.54
N PHE A 104 6.91 -16.56 20.95
CA PHE A 104 5.50 -16.28 21.13
C PHE A 104 4.67 -17.56 21.18
N GLU A 105 4.41 -18.03 22.40
CA GLU A 105 3.58 -19.22 22.59
C GLU A 105 2.64 -19.01 23.76
N PRO A 106 1.32 -19.05 23.49
CA PRO A 106 0.28 -18.80 24.49
C PRO A 106 0.37 -19.72 25.70
N ILE A 107 0.17 -19.13 26.89
CA ILE A 107 0.21 -19.87 28.14
C ILE A 107 -1.15 -19.78 28.82
N PRO A 108 -1.66 -20.91 29.31
CA PRO A 108 -2.97 -20.99 29.98
C PRO A 108 -3.12 -19.97 31.11
N ILE A 109 -4.25 -19.29 31.14
CA ILE A 109 -4.52 -18.31 32.19
C ILE A 109 -5.80 -18.63 32.92
N HIS A 110 -5.79 -18.49 34.24
CA HIS A 110 -6.97 -18.71 35.07
C HIS A 110 -7.49 -17.36 35.56
N TYR A 111 -8.78 -17.10 35.35
CA TYR A 111 -9.36 -15.87 35.86
C TYR A 111 -10.11 -16.13 37.16
N CYS A 112 -9.72 -15.38 38.19
CA CYS A 112 -10.17 -15.65 39.56
C CYS A 112 -10.99 -14.52 40.14
N ALA A 113 -11.97 -14.88 40.96
CA ALA A 113 -12.76 -13.88 41.67
C ALA A 113 -11.99 -13.38 42.89
N PRO A 114 -12.05 -12.06 43.13
CA PRO A 114 -11.37 -11.41 44.25
C PRO A 114 -12.09 -11.63 45.57
N ALA A 115 -11.66 -10.92 46.60
CA ALA A 115 -12.28 -11.03 47.91
C ALA A 115 -13.71 -10.48 47.86
N GLY A 116 -14.68 -11.32 48.20
CA GLY A 116 -16.06 -10.89 48.28
C GLY A 116 -16.94 -11.51 47.21
N PHE A 117 -16.32 -11.89 46.10
CA PHE A 117 -17.06 -12.45 44.97
C PHE A 117 -16.79 -13.93 44.80
N ALA A 118 -17.54 -14.54 43.89
CA ALA A 118 -17.37 -15.95 43.58
C ALA A 118 -17.71 -16.20 42.11
N ILE A 119 -17.34 -17.36 41.60
CA ILE A 119 -17.63 -17.69 40.21
C ILE A 119 -18.41 -19.00 40.11
N LEU A 120 -19.68 -18.90 39.75
CA LEU A 120 -20.48 -20.09 39.49
C LEU A 120 -20.03 -20.75 38.20
N LYS A 121 -20.16 -22.07 38.14
CA LYS A 121 -19.67 -22.86 37.03
C LYS A 121 -20.64 -23.97 36.70
N CYS A 122 -21.03 -24.07 35.44
CA CYS A 122 -21.95 -25.13 35.04
C CYS A 122 -21.21 -26.46 34.90
N ASN A 123 -21.73 -27.50 35.53
CA ASN A 123 -21.13 -28.82 35.49
C ASN A 123 -21.85 -29.72 34.49
N ASN A 124 -22.97 -29.23 33.98
CA ASN A 124 -23.71 -29.93 32.94
C ASN A 124 -22.86 -30.01 31.67
N LYS A 125 -22.60 -31.23 31.22
CA LYS A 125 -21.65 -31.47 30.12
C LYS A 125 -22.13 -30.93 28.77
N THR A 126 -23.39 -31.19 28.45
CA THR A 126 -23.98 -30.67 27.23
C THR A 126 -24.82 -29.44 27.53
N PHE A 127 -24.18 -28.29 27.60
CA PHE A 127 -24.83 -27.05 27.96
C PHE A 127 -24.57 -26.00 26.89
N ASN A 128 -25.64 -25.41 26.35
CA ASN A 128 -25.52 -24.47 25.23
C ASN A 128 -24.96 -23.12 25.64
N GLY A 129 -25.15 -22.73 26.90
CA GLY A 129 -24.55 -21.52 27.41
C GLY A 129 -25.52 -20.40 27.70
N THR A 130 -26.78 -20.60 27.31
CA THR A 130 -27.82 -19.62 27.58
C THR A 130 -29.08 -20.33 28.05
N GLY A 131 -29.38 -20.18 29.32
CA GLY A 131 -30.53 -20.84 29.92
C GLY A 131 -30.21 -21.37 31.30
N PRO A 132 -31.13 -22.18 31.87
CA PRO A 132 -30.93 -22.70 33.21
C PRO A 132 -29.95 -23.88 33.24
N CYS A 133 -29.01 -23.83 34.19
CA CYS A 133 -28.13 -24.95 34.47
C CYS A 133 -28.57 -25.59 35.78
N THR A 134 -28.87 -26.88 35.73
CA THR A 134 -29.35 -27.59 36.89
C THR A 134 -28.25 -28.49 37.48
N ASN A 135 -27.05 -27.94 37.54
CA ASN A 135 -25.90 -28.66 38.10
C ASN A 135 -24.70 -27.73 38.26
N VAL A 136 -24.91 -26.60 38.93
CA VAL A 136 -23.87 -25.60 39.07
C VAL A 136 -22.91 -25.93 40.22
N SER A 137 -21.94 -25.04 40.46
CA SER A 137 -20.98 -25.18 41.55
C SER A 137 -20.09 -23.94 41.62
N THR A 138 -19.41 -23.76 42.74
CA THR A 138 -18.61 -22.56 42.97
C THR A 138 -17.11 -22.83 42.79
N VAL A 139 -16.40 -21.85 42.22
CA VAL A 139 -14.96 -21.97 42.03
C VAL A 139 -14.25 -20.66 42.38
N GLN A 140 -12.97 -20.77 42.72
CA GLN A 140 -12.14 -19.62 43.00
C GLN A 140 -11.65 -19.03 41.69
N CYS A 141 -11.29 -19.92 40.77
CA CYS A 141 -10.68 -19.56 39.50
C CYS A 141 -11.22 -20.42 38.37
N THR A 142 -11.22 -19.87 37.15
CA THR A 142 -11.56 -20.66 35.97
C THR A 142 -10.49 -21.71 35.71
N HIS A 143 -10.60 -22.41 34.59
CA HIS A 143 -9.59 -23.37 34.22
C HIS A 143 -8.52 -22.71 33.37
N GLY A 144 -7.63 -23.52 32.77
CA GLY A 144 -6.55 -22.99 31.96
C GLY A 144 -7.02 -22.54 30.59
N ILE A 145 -7.00 -21.23 30.35
CA ILE A 145 -7.49 -20.68 29.09
C ILE A 145 -6.37 -20.03 28.28
N ARG A 146 -5.93 -20.72 27.23
CA ARG A 146 -4.90 -20.19 26.34
C ARG A 146 -5.50 -19.11 25.44
N PRO A 147 -4.87 -17.93 25.41
CA PRO A 147 -5.30 -16.76 24.64
C PRO A 147 -5.01 -16.92 23.14
N VAL A 148 -5.45 -18.03 22.57
CA VAL A 148 -5.18 -18.32 21.16
C VAL A 148 -6.00 -17.43 20.23
N VAL A 149 -5.30 -16.53 19.54
CA VAL A 149 -5.92 -15.61 18.58
C VAL A 149 -5.91 -16.20 17.18
N SER A 150 -7.07 -16.29 16.56
CA SER A 150 -7.20 -16.95 15.27
C SER A 150 -8.62 -16.89 14.73
N SER A 151 -8.81 -17.39 13.51
CA SER A 151 -10.10 -17.41 12.87
C SER A 151 -10.38 -18.80 12.30
N GLN A 152 -11.64 -19.03 11.92
CA GLN A 152 -12.08 -20.30 11.34
C GLN A 152 -11.97 -21.48 12.30
N LEU A 153 -10.76 -21.78 12.75
CA LEU A 153 -10.52 -22.91 13.64
C LEU A 153 -10.04 -22.46 15.01
N LEU A 154 -10.61 -23.07 16.05
CA LEU A 154 -10.25 -22.79 17.43
C LEU A 154 -9.18 -23.76 17.88
N LEU A 155 -8.05 -23.24 18.34
CA LEU A 155 -6.88 -24.07 18.58
C LEU A 155 -6.47 -24.16 20.05
N ASN A 156 -5.97 -25.32 20.44
CA ASN A 156 -5.50 -25.57 21.80
C ASN A 156 -6.55 -25.27 22.86
N GLY A 157 -7.81 -25.57 22.57
CA GLY A 157 -8.90 -25.23 23.45
C GLY A 157 -9.40 -26.39 24.28
N SER A 158 -10.70 -26.34 24.62
CA SER A 158 -11.31 -27.37 25.46
C SER A 158 -12.36 -28.15 24.70
N LEU A 159 -12.28 -29.48 24.82
CA LEU A 159 -13.22 -30.37 24.15
C LEU A 159 -14.49 -30.56 24.97
N ALA A 160 -15.60 -30.80 24.26
CA ALA A 160 -16.85 -31.18 24.92
C ALA A 160 -16.68 -32.54 25.59
N GLU A 161 -17.30 -32.72 26.74
CA GLU A 161 -17.10 -33.93 27.53
C GLU A 161 -17.96 -35.11 27.04
N GLU A 162 -18.97 -34.82 26.24
CA GLU A 162 -19.83 -35.86 25.70
C GLU A 162 -19.84 -35.83 24.17
N GLU A 163 -20.82 -35.13 23.61
CA GLU A 163 -20.97 -35.04 22.16
C GLU A 163 -20.62 -33.64 21.68
N VAL A 164 -20.49 -33.49 20.36
CA VAL A 164 -20.18 -32.20 19.78
C VAL A 164 -21.26 -31.17 20.07
N VAL A 165 -20.84 -29.99 20.53
CA VAL A 165 -21.78 -28.96 20.94
C VAL A 165 -21.70 -27.77 20.00
N ILE A 166 -22.85 -27.19 19.69
CA ILE A 166 -22.90 -25.96 18.90
C ILE A 166 -23.61 -24.86 19.69
N ARG A 167 -23.10 -23.63 19.59
CA ARG A 167 -23.64 -22.52 20.35
C ARG A 167 -23.76 -21.25 19.50
N SER A 168 -24.91 -20.57 19.63
CA SER A 168 -25.17 -19.34 18.88
C SER A 168 -26.14 -18.46 19.64
N VAL A 169 -25.88 -17.15 19.62
CA VAL A 169 -26.75 -16.20 20.31
C VAL A 169 -28.13 -16.18 19.67
N ASN A 170 -28.20 -16.60 18.42
CA ASN A 170 -29.45 -16.66 17.67
C ASN A 170 -29.26 -17.48 16.41
N PHE A 171 -29.62 -18.75 16.47
CA PHE A 171 -29.46 -19.66 15.34
C PHE A 171 -30.23 -19.17 14.12
N THR A 172 -31.33 -18.47 14.37
CA THR A 172 -32.18 -17.95 13.29
C THR A 172 -31.47 -16.84 12.49
N ASP A 173 -30.93 -15.87 13.21
CA ASP A 173 -30.14 -14.79 12.59
C ASP A 173 -28.90 -15.37 11.92
N ASN A 174 -28.84 -15.28 10.60
CA ASN A 174 -27.72 -15.84 9.83
C ASN A 174 -26.43 -15.04 9.95
N ALA A 175 -26.53 -13.81 10.44
CA ALA A 175 -25.35 -12.97 10.61
C ALA A 175 -24.57 -13.36 11.86
N LYS A 176 -25.09 -14.33 12.60
CA LYS A 176 -24.53 -14.73 13.90
C LYS A 176 -23.61 -15.94 13.80
N THR A 177 -22.49 -15.87 14.52
CA THR A 177 -21.49 -16.94 14.53
C THR A 177 -22.00 -18.18 15.24
N ILE A 178 -21.56 -19.34 14.76
CA ILE A 178 -21.90 -20.61 15.40
C ILE A 178 -20.64 -21.21 15.99
N ILE A 179 -20.40 -20.93 17.27
CA ILE A 179 -19.25 -21.47 17.96
C ILE A 179 -19.43 -22.98 18.13
N VAL A 180 -18.44 -23.75 17.68
CA VAL A 180 -18.54 -25.20 17.71
C VAL A 180 -17.48 -25.80 18.62
N GLN A 181 -17.87 -26.84 19.35
CA GLN A 181 -16.97 -27.50 20.27
C GLN A 181 -16.92 -28.99 19.94
N LEU A 182 -15.71 -29.49 19.72
CA LEU A 182 -15.50 -30.89 19.36
C LEU A 182 -15.26 -31.76 20.59
N ASN A 183 -15.62 -33.03 20.50
CA ASN A 183 -15.36 -33.96 21.59
C ASN A 183 -14.11 -34.77 21.31
N THR A 184 -13.43 -34.43 20.22
CA THR A 184 -12.21 -35.13 19.80
C THR A 184 -11.36 -34.18 18.97
N SER A 185 -10.21 -33.81 19.51
CA SER A 185 -9.34 -32.83 18.84
C SER A 185 -8.76 -33.40 17.55
N VAL A 186 -8.58 -32.52 16.57
CA VAL A 186 -7.93 -32.90 15.31
C VAL A 186 -6.64 -32.12 15.17
N GLU A 187 -5.53 -32.84 15.01
CA GLU A 187 -4.22 -32.19 14.90
C GLU A 187 -4.03 -31.51 13.56
N ILE A 188 -3.56 -30.26 13.60
CA ILE A 188 -3.13 -29.57 12.39
C ILE A 188 -1.66 -29.22 12.52
N ASN A 189 -0.83 -29.90 11.72
CA ASN A 189 0.62 -29.69 11.77
C ASN A 189 1.09 -28.67 10.74
N CYS A 190 1.60 -27.54 11.22
CA CYS A 190 2.04 -26.48 10.33
C CYS A 190 3.55 -26.41 10.16
N THR A 191 3.97 -25.70 9.11
CA THR A 191 5.38 -25.54 8.80
C THR A 191 5.63 -24.25 8.03
N GLY A 192 6.82 -23.67 8.22
CA GLY A 192 7.18 -22.44 7.55
C GLY A 192 7.37 -22.60 6.05
N ALA A 193 7.37 -23.86 5.59
CA ALA A 193 7.51 -24.15 4.18
C ALA A 193 6.24 -23.79 3.42
N GLY A 194 5.22 -23.35 4.15
CA GLY A 194 4.01 -22.83 3.53
C GLY A 194 2.91 -23.85 3.29
N HIS A 195 2.70 -24.75 4.24
CA HIS A 195 1.58 -25.69 4.16
C HIS A 195 1.20 -26.24 5.52
N CYS A 196 0.01 -26.85 5.59
CA CYS A 196 -0.51 -27.38 6.84
C CYS A 196 -1.19 -28.73 6.60
N ASN A 197 -0.82 -29.73 7.40
CA ASN A 197 -1.37 -31.06 7.26
C ASN A 197 -2.53 -31.32 8.19
N ILE A 198 -3.53 -32.04 7.70
CA ILE A 198 -4.67 -32.46 8.50
C ILE A 198 -5.14 -33.83 8.04
N ALA A 199 -5.23 -34.77 8.97
CA ALA A 199 -5.69 -36.12 8.63
C ALA A 199 -7.03 -36.05 7.90
N ARG A 200 -7.10 -36.66 6.72
CA ARG A 200 -8.31 -36.58 5.92
C ARG A 200 -9.47 -37.36 6.53
N ALA A 201 -9.23 -38.64 6.84
CA ALA A 201 -10.27 -39.50 7.36
C ALA A 201 -10.83 -38.99 8.69
N LYS A 202 -9.96 -38.51 9.57
CA LYS A 202 -10.38 -38.01 10.88
C LYS A 202 -11.22 -36.75 10.72
N TRP A 203 -10.74 -35.81 9.92
CA TRP A 203 -11.45 -34.56 9.67
C TRP A 203 -12.78 -34.82 8.96
N ASN A 204 -12.83 -35.89 8.18
CA ASN A 204 -14.06 -36.28 7.51
C ASN A 204 -15.15 -36.59 8.53
N ASN A 205 -14.86 -37.51 9.43
CA ASN A 205 -15.79 -37.85 10.51
C ASN A 205 -16.13 -36.63 11.36
N THR A 206 -15.13 -35.81 11.64
CA THR A 206 -15.33 -34.58 12.41
C THR A 206 -16.44 -33.73 11.79
N LEU A 207 -16.50 -33.71 10.46
CA LEU A 207 -17.55 -32.96 9.78
C LEU A 207 -18.90 -33.66 9.85
N LYS A 208 -18.89 -34.99 9.81
CA LYS A 208 -20.14 -35.75 9.90
C LYS A 208 -20.80 -35.53 11.25
N GLN A 209 -19.99 -35.41 12.29
CA GLN A 209 -20.50 -35.12 13.64
C GLN A 209 -21.14 -33.76 13.66
N ILE A 210 -20.40 -32.75 13.23
CA ILE A 210 -20.90 -31.38 13.18
C ILE A 210 -22.15 -31.27 12.33
N ALA A 211 -22.10 -31.87 11.14
CA ALA A 211 -23.24 -31.88 10.24
C ALA A 211 -24.49 -32.41 10.92
N SER A 212 -24.34 -33.52 11.63
CA SER A 212 -25.48 -34.15 12.28
C SER A 212 -26.05 -33.27 13.38
N LYS A 213 -25.19 -32.51 14.04
CA LYS A 213 -25.63 -31.59 15.08
C LYS A 213 -26.36 -30.39 14.48
N LEU A 214 -25.94 -30.00 13.27
CA LEU A 214 -26.55 -28.87 12.57
C LEU A 214 -27.88 -29.27 11.95
N ARG A 215 -27.91 -30.44 11.34
CA ARG A 215 -29.13 -30.96 10.73
C ARG A 215 -30.22 -31.11 11.80
N GLU A 216 -29.79 -31.34 13.04
CA GLU A 216 -30.71 -31.49 14.16
C GLU A 216 -31.29 -30.14 14.56
N GLN A 217 -30.44 -29.12 14.51
CA GLN A 217 -30.82 -27.76 14.90
C GLN A 217 -31.72 -27.10 13.85
N PHE A 218 -31.53 -27.46 12.59
CA PHE A 218 -32.31 -26.90 11.51
C PHE A 218 -33.15 -27.98 10.82
N GLY A 219 -33.93 -28.71 11.60
CA GLY A 219 -34.78 -29.76 11.07
C GLY A 219 -33.98 -30.94 10.56
N ASN A 220 -34.31 -32.13 11.04
CA ASN A 220 -33.61 -33.35 10.63
C ASN A 220 -34.02 -33.80 9.23
N ASN A 221 -34.24 -32.83 8.33
CA ASN A 221 -34.64 -33.13 6.96
C ASN A 221 -34.00 -32.17 5.96
N LYS A 222 -32.88 -31.58 6.36
CA LYS A 222 -32.17 -30.65 5.48
C LYS A 222 -30.75 -31.13 5.20
N THR A 223 -30.32 -30.96 3.95
CA THR A 223 -28.98 -31.37 3.54
C THR A 223 -27.95 -30.35 4.00
N ILE A 224 -26.87 -30.82 4.61
CA ILE A 224 -25.86 -29.92 5.17
C ILE A 224 -24.64 -29.84 4.27
N ILE A 225 -24.36 -28.64 3.78
CA ILE A 225 -23.25 -28.42 2.88
C ILE A 225 -22.25 -27.43 3.45
N PHE A 226 -20.96 -27.73 3.30
CA PHE A 226 -19.91 -26.83 3.73
C PHE A 226 -19.26 -26.19 2.51
N LYS A 227 -18.97 -24.90 2.61
CA LYS A 227 -18.34 -24.18 1.51
C LYS A 227 -17.26 -23.24 2.04
N GLN A 228 -16.44 -22.73 1.12
CA GLN A 228 -15.35 -21.85 1.49
C GLN A 228 -15.89 -20.50 1.92
N SER A 229 -15.08 -19.76 2.68
CA SER A 229 -15.42 -18.41 3.09
C SER A 229 -16.03 -17.64 1.92
N SER A 230 -17.09 -16.88 2.21
CA SER A 230 -17.82 -16.15 1.20
C SER A 230 -17.13 -14.86 0.79
N GLY A 231 -15.97 -14.60 1.40
CA GLY A 231 -15.23 -13.39 1.12
C GLY A 231 -15.06 -12.51 2.35
N GLY A 232 -14.16 -11.54 2.26
CA GLY A 232 -13.90 -10.64 3.36
C GLY A 232 -12.43 -10.24 3.41
N ASP A 233 -11.88 -10.14 4.61
CA ASP A 233 -10.47 -9.85 4.76
C ASP A 233 -9.66 -11.14 4.79
N PRO A 234 -8.37 -11.06 4.46
CA PRO A 234 -7.49 -12.24 4.45
C PRO A 234 -7.53 -13.01 5.77
N GLU A 235 -7.70 -12.27 6.87
CA GLU A 235 -7.74 -12.86 8.21
C GLU A 235 -9.05 -13.60 8.47
N ILE A 236 -10.03 -13.39 7.60
CA ILE A 236 -11.33 -14.04 7.72
C ILE A 236 -11.46 -15.15 6.69
N VAL A 237 -11.10 -14.84 5.44
CA VAL A 237 -11.27 -15.75 4.32
C VAL A 237 -10.40 -16.99 4.45
N THR A 238 -9.24 -16.84 5.08
CA THR A 238 -8.37 -17.98 5.33
C THR A 238 -8.26 -18.25 6.82
N HIS A 239 -7.78 -19.44 7.18
CA HIS A 239 -7.57 -19.76 8.58
C HIS A 239 -6.37 -18.98 9.12
N TRP A 240 -6.62 -17.74 9.50
CA TRP A 240 -5.60 -16.86 10.04
C TRP A 240 -5.27 -17.28 11.48
N PHE A 241 -3.99 -17.26 11.82
CA PHE A 241 -3.53 -17.67 13.13
C PHE A 241 -2.04 -17.39 13.32
N ASN A 242 -1.65 -17.14 14.56
CA ASN A 242 -0.24 -16.89 14.89
C ASN A 242 0.49 -18.17 15.23
N CYS A 243 1.76 -18.26 14.86
CA CYS A 243 2.56 -19.45 15.12
C CYS A 243 4.05 -19.16 15.18
N GLY A 244 4.52 -18.69 16.32
CA GLY A 244 5.94 -18.41 16.50
C GLY A 244 6.29 -17.00 16.11
N GLY A 245 5.33 -16.09 16.24
CA GLY A 245 5.57 -14.69 15.93
C GLY A 245 5.14 -14.31 14.53
N GLU A 246 5.05 -15.31 13.65
CA GLU A 246 4.65 -15.07 12.27
C GLU A 246 3.16 -15.34 12.07
N PHE A 247 2.49 -14.47 11.32
CA PHE A 247 1.07 -14.64 11.04
C PHE A 247 0.84 -15.49 9.79
N PHE A 248 0.10 -16.58 9.93
CA PHE A 248 -0.14 -17.50 8.84
C PHE A 248 -1.54 -17.34 8.24
N TYR A 249 -1.62 -17.43 6.92
CA TYR A 249 -2.91 -17.40 6.23
C TYR A 249 -3.07 -18.66 5.39
N CYS A 250 -3.86 -19.61 5.88
CA CYS A 250 -3.99 -20.90 5.20
C CYS A 250 -5.30 -21.04 4.44
N ASN A 251 -5.21 -21.50 3.20
CA ASN A 251 -6.40 -21.79 2.41
C ASN A 251 -7.13 -22.98 3.04
N SER A 252 -8.42 -22.82 3.28
CA SER A 252 -9.19 -23.83 4.00
C SER A 252 -10.29 -24.44 3.14
N THR A 253 -10.22 -24.23 1.83
CA THR A 253 -11.27 -24.68 0.92
C THR A 253 -11.42 -26.20 0.90
N GLN A 254 -10.30 -26.92 1.01
CA GLN A 254 -10.32 -28.38 0.99
C GLN A 254 -11.00 -28.93 2.24
N LEU A 255 -11.01 -28.13 3.30
CA LEU A 255 -11.69 -28.50 4.54
C LEU A 255 -13.20 -28.40 4.35
N PHE A 256 -13.63 -27.28 3.79
CA PHE A 256 -15.05 -26.96 3.71
C PHE A 256 -15.60 -27.06 2.30
N ASN A 257 -15.50 -28.24 1.71
CA ASN A 257 -16.11 -28.52 0.42
C ASN A 257 -16.78 -29.90 0.46
N SER A 258 -17.77 -30.03 1.35
CA SER A 258 -18.43 -31.30 1.58
C SER A 258 -19.94 -31.17 1.45
N THR A 259 -20.61 -32.27 1.14
CA THR A 259 -22.08 -32.29 1.13
C THR A 259 -22.60 -33.51 1.89
N TRP A 260 -23.45 -33.26 2.88
CA TRP A 260 -23.89 -34.31 3.79
C TRP A 260 -25.41 -34.53 3.77
N PHE A 261 -25.81 -35.76 4.06
CA PHE A 261 -27.23 -36.12 4.08
C PHE A 261 -27.85 -35.97 2.69
N ASN A 262 -27.01 -35.80 1.69
CA ASN A 262 -27.47 -35.65 0.30
C ASN A 262 -27.56 -36.99 -0.42
N SER A 263 -28.12 -36.96 -1.63
CA SER A 263 -28.27 -38.17 -2.43
C SER A 263 -28.41 -37.83 -3.91
N THR A 264 -27.43 -38.27 -4.71
CA THR A 264 -26.31 -39.02 -4.18
C THR A 264 -26.69 -39.80 -2.93
N GLU A 269 -8.04 -43.88 -3.83
CA GLU A 269 -7.23 -42.78 -3.33
C GLU A 269 -7.51 -41.48 -4.08
N GLY A 270 -7.97 -40.47 -3.35
CA GLY A 270 -8.18 -40.60 -1.92
C GLY A 270 -7.00 -40.13 -1.11
N SER A 271 -6.86 -38.81 -0.99
CA SER A 271 -5.75 -38.23 -0.25
C SER A 271 -5.61 -38.87 1.13
N ASP A 272 -4.38 -38.99 1.60
CA ASP A 272 -4.11 -39.60 2.90
C ASP A 272 -3.95 -38.53 3.98
N THR A 273 -3.80 -37.28 3.55
CA THR A 273 -3.64 -36.16 4.49
C THR A 273 -3.83 -34.83 3.78
N ILE A 274 -4.93 -34.14 4.10
CA ILE A 274 -5.21 -32.85 3.51
C ILE A 274 -4.05 -31.89 3.70
N THR A 275 -3.58 -31.32 2.59
CA THR A 275 -2.49 -30.36 2.64
C THR A 275 -2.99 -28.96 2.26
N LEU A 276 -2.85 -28.02 3.18
CA LEU A 276 -3.38 -26.67 2.98
C LEU A 276 -2.28 -25.70 2.59
N PRO A 277 -2.48 -24.98 1.47
CA PRO A 277 -1.60 -23.93 1.00
C PRO A 277 -1.55 -22.75 1.98
N CYS A 278 -0.38 -22.47 2.53
CA CYS A 278 -0.27 -21.39 3.51
C CYS A 278 0.79 -20.36 3.13
N ARG A 279 0.80 -19.23 3.85
CA ARG A 279 1.75 -18.15 3.59
C ARG A 279 1.74 -17.13 4.71
N ILE A 280 2.93 -16.83 5.24
CA ILE A 280 3.10 -15.77 6.23
C ILE A 280 2.81 -14.43 5.55
N LYS A 281 2.50 -13.41 6.34
CA LYS A 281 2.35 -12.07 5.79
C LYS A 281 2.93 -11.02 6.73
N GLN A 282 3.64 -10.05 6.16
CA GLN A 282 4.22 -8.97 6.95
C GLN A 282 3.18 -7.88 7.19
N ILE A 283 2.23 -7.75 6.27
CA ILE A 283 1.20 -6.74 6.37
C ILE A 283 -0.13 -7.36 6.76
N ILE A 284 -0.60 -7.07 7.97
CA ILE A 284 -1.83 -7.67 8.47
C ILE A 284 -2.82 -6.66 9.01
N ASN A 285 -4.11 -7.01 8.96
CA ASN A 285 -5.16 -6.23 9.61
C ASN A 285 -5.13 -6.48 11.10
N MET A 286 -5.53 -5.47 11.88
CA MET A 286 -5.54 -5.58 13.33
C MET A 286 -6.84 -6.18 13.84
N TRP A 287 -6.75 -6.95 14.93
CA TRP A 287 -7.93 -7.48 15.58
C TRP A 287 -8.29 -6.64 16.81
N GLN A 288 -7.27 -6.02 17.41
CA GLN A 288 -7.49 -5.11 18.53
C GLN A 288 -8.53 -4.06 18.17
N LYS A 289 -8.16 -3.15 17.27
CA LYS A 289 -9.08 -2.17 16.71
C LYS A 289 -8.96 -2.15 15.20
N VAL A 290 -9.52 -1.12 14.59
CA VAL A 290 -9.46 -0.98 13.13
C VAL A 290 -8.13 -0.38 12.70
N GLY A 291 -7.48 -1.01 11.72
CA GLY A 291 -6.19 -0.55 11.24
C GLY A 291 -5.32 -1.69 10.72
N LYS A 292 -4.15 -1.34 10.20
CA LYS A 292 -3.21 -2.33 9.69
C LYS A 292 -1.90 -2.24 10.41
N ALA A 293 -1.05 -3.24 10.25
CA ALA A 293 0.27 -3.23 10.85
C ALA A 293 1.22 -4.06 10.02
N MET A 294 2.46 -3.59 9.89
CA MET A 294 3.46 -4.32 9.13
C MET A 294 4.56 -4.81 10.05
N TYR A 295 4.98 -6.05 9.84
CA TYR A 295 6.01 -6.66 10.67
C TYR A 295 7.27 -7.01 9.85
N ALA A 296 8.34 -7.35 10.56
CA ALA A 296 9.61 -7.70 9.91
C ALA A 296 9.52 -9.07 9.25
N PRO A 297 10.50 -9.37 8.37
CA PRO A 297 10.56 -10.66 7.66
C PRO A 297 10.91 -11.80 8.59
N PRO A 298 10.46 -13.00 8.26
CA PRO A 298 10.73 -14.19 9.07
C PRO A 298 12.23 -14.38 9.31
N ILE A 299 12.58 -15.00 10.44
CA ILE A 299 13.97 -15.25 10.78
C ILE A 299 14.38 -16.68 10.45
N SER A 300 14.45 -17.51 11.48
CA SER A 300 14.83 -18.91 11.30
C SER A 300 13.92 -19.61 10.30
N GLY A 301 14.49 -20.55 9.55
CA GLY A 301 13.72 -21.29 8.56
C GLY A 301 12.93 -22.43 9.17
N GLN A 302 13.16 -22.68 10.45
CA GLN A 302 12.46 -23.74 11.16
C GLN A 302 11.26 -23.20 11.93
N ILE A 303 10.11 -23.17 11.27
CA ILE A 303 8.89 -22.67 11.89
C ILE A 303 7.81 -23.75 11.94
N ARG A 304 8.01 -24.74 12.80
CA ARG A 304 7.05 -25.83 12.95
C ARG A 304 6.15 -25.61 14.15
N CYS A 305 4.84 -25.63 13.92
CA CYS A 305 3.86 -25.44 14.99
C CYS A 305 2.74 -26.46 14.89
N SER A 306 2.64 -27.32 15.90
CA SER A 306 1.59 -28.34 15.94
C SER A 306 0.52 -27.97 16.96
N SER A 307 -0.73 -27.92 16.51
CA SER A 307 -1.84 -27.49 17.36
C SER A 307 -3.02 -28.45 17.29
N ASN A 308 -3.91 -28.36 18.27
CA ASN A 308 -5.13 -29.17 18.28
C ASN A 308 -6.36 -28.36 17.91
N ILE A 309 -7.03 -28.77 16.83
CA ILE A 309 -8.30 -28.16 16.46
C ILE A 309 -9.38 -28.70 17.38
N THR A 310 -9.81 -27.88 18.33
CA THR A 310 -10.81 -28.29 19.32
C THR A 310 -12.17 -27.63 19.05
N GLY A 311 -12.19 -26.63 18.17
CA GLY A 311 -13.41 -25.90 17.89
C GLY A 311 -13.43 -25.25 16.52
N LEU A 312 -14.60 -24.75 16.14
CA LEU A 312 -14.77 -24.07 14.86
C LEU A 312 -15.64 -22.83 15.02
N LEU A 313 -15.41 -21.83 14.18
CA LEU A 313 -16.30 -20.68 14.08
C LEU A 313 -16.95 -20.72 12.71
N LEU A 314 -18.23 -21.04 12.67
CA LEU A 314 -18.95 -21.11 11.40
C LEU A 314 -19.93 -19.97 11.29
N THR A 315 -20.47 -19.81 10.08
CA THR A 315 -21.58 -18.90 9.84
C THR A 315 -22.50 -19.57 8.82
N ARG A 316 -23.79 -19.33 8.94
CA ARG A 316 -24.76 -19.94 8.04
C ARG A 316 -25.17 -18.89 7.01
N ASP A 317 -25.56 -19.35 5.83
CA ASP A 317 -25.97 -18.46 4.76
C ASP A 317 -27.47 -18.18 4.83
N GLY A 318 -28.26 -19.24 4.64
CA GLY A 318 -29.70 -19.13 4.74
C GLY A 318 -30.29 -18.14 3.75
N GLY A 319 -31.33 -17.43 4.17
CA GLY A 319 -32.08 -16.55 3.29
C GLY A 319 -33.44 -17.14 2.99
N ASN A 320 -34.36 -16.31 2.50
CA ASN A 320 -35.71 -16.76 2.19
C ASN A 320 -35.79 -17.56 0.89
N SER A 321 -34.83 -18.46 0.70
CA SER A 321 -34.74 -19.24 -0.53
C SER A 321 -34.21 -20.65 -0.25
N ASN A 322 -33.18 -20.74 0.59
CA ASN A 322 -32.56 -22.01 0.92
C ASN A 322 -33.51 -22.97 1.65
N ASN A 323 -34.22 -23.77 0.87
CA ASN A 323 -35.11 -24.79 1.40
C ASN A 323 -34.54 -26.17 1.07
N GLU A 324 -34.69 -27.11 1.99
CA GLU A 324 -34.22 -28.47 1.79
C GLU A 324 -32.71 -28.62 1.94
N SER A 325 -32.03 -27.53 2.29
CA SER A 325 -30.58 -27.55 2.50
C SER A 325 -30.06 -26.31 3.21
N GLU A 326 -28.96 -26.46 3.92
CA GLU A 326 -28.32 -25.34 4.59
C GLU A 326 -26.83 -25.27 4.25
N ILE A 327 -26.27 -24.06 4.18
CA ILE A 327 -24.87 -23.88 3.82
C ILE A 327 -24.09 -23.24 4.94
N PHE A 328 -22.94 -23.82 5.26
CA PHE A 328 -22.11 -23.31 6.34
C PHE A 328 -20.68 -23.06 5.86
N ARG A 329 -20.16 -21.90 6.22
CA ARG A 329 -18.82 -21.50 5.81
C ARG A 329 -18.00 -21.11 7.02
N PRO A 330 -16.67 -21.30 6.96
CA PRO A 330 -15.81 -20.84 8.05
C PRO A 330 -16.02 -19.36 8.28
N GLY A 331 -15.70 -18.89 9.49
CA GLY A 331 -15.88 -17.50 9.83
C GLY A 331 -15.09 -17.12 11.06
N GLY A 332 -15.59 -16.15 11.81
CA GLY A 332 -14.88 -15.67 12.98
C GLY A 332 -14.38 -14.26 12.75
N GLY A 333 -13.44 -13.82 13.57
CA GLY A 333 -12.93 -12.48 13.49
C GLY A 333 -13.06 -11.74 14.80
N ASP A 334 -14.25 -11.78 15.39
CA ASP A 334 -14.47 -11.21 16.70
C ASP A 334 -13.86 -12.14 17.72
N MET A 335 -12.73 -11.73 18.30
CA MET A 335 -11.99 -12.60 19.20
C MET A 335 -12.79 -12.93 20.46
N ARG A 336 -13.89 -12.24 20.67
CA ARG A 336 -14.72 -12.48 21.84
C ARG A 336 -15.40 -13.84 21.73
N ASP A 337 -15.75 -14.24 20.51
CA ASP A 337 -16.30 -15.57 20.31
C ASP A 337 -15.30 -16.62 20.73
N ASN A 338 -14.01 -16.33 20.48
CA ASN A 338 -12.94 -17.22 20.89
C ASN A 338 -12.91 -17.35 22.40
N TRP A 339 -13.06 -16.24 23.09
CA TRP A 339 -13.12 -16.26 24.54
C TRP A 339 -14.38 -16.99 25.02
N ARG A 340 -15.53 -16.63 24.46
CA ARG A 340 -16.79 -17.26 24.84
C ARG A 340 -16.84 -18.76 24.62
N SER A 341 -15.92 -19.30 23.82
CA SER A 341 -15.92 -20.74 23.60
C SER A 341 -15.29 -21.45 24.80
N GLU A 342 -14.64 -20.67 25.67
CA GLU A 342 -14.03 -21.18 26.89
C GLU A 342 -14.77 -20.70 28.13
N LEU A 343 -15.09 -19.41 28.16
CA LEU A 343 -15.81 -18.80 29.27
C LEU A 343 -17.33 -18.92 29.13
N TYR A 344 -17.81 -20.04 28.60
CA TYR A 344 -19.24 -20.18 28.38
C TYR A 344 -19.97 -20.72 29.60
N LYS A 345 -19.26 -21.46 30.43
CA LYS A 345 -19.87 -22.14 31.58
C LYS A 345 -19.66 -21.37 32.88
N TYR A 346 -19.00 -20.22 32.80
CA TYR A 346 -18.70 -19.44 33.99
C TYR A 346 -19.64 -18.25 34.14
N LYS A 347 -19.53 -17.58 35.28
CA LYS A 347 -20.42 -16.49 35.65
C LYS A 347 -20.02 -15.96 37.02
N VAL A 348 -19.56 -14.70 37.05
CA VAL A 348 -19.14 -14.10 38.32
C VAL A 348 -20.33 -13.53 39.09
N VAL A 349 -20.36 -13.79 40.39
CA VAL A 349 -21.49 -13.45 41.24
C VAL A 349 -21.05 -12.77 42.55
N LYS A 350 -21.87 -11.86 43.05
CA LYS A 350 -21.58 -11.16 44.30
C LYS A 350 -22.22 -11.87 45.51
N ILE A 351 -21.41 -12.07 46.55
CA ILE A 351 -21.86 -12.78 47.74
C ILE A 351 -22.32 -11.80 48.83
N GLU A 352 -23.43 -12.12 49.43
CA GLU A 352 -23.96 -11.28 50.49
C GLU A 352 -24.52 -12.13 51.65
N PRO A 353 -25.00 -11.45 52.74
CA PRO A 353 -25.48 -12.10 53.97
C PRO A 353 -26.35 -13.33 53.76
N LEU A 354 -26.24 -14.29 54.68
CA LEU A 354 -27.00 -15.53 54.59
C LEU A 354 -28.46 -15.31 54.99
N GLY A 355 -29.34 -16.17 54.51
CA GLY A 355 -30.76 -16.08 54.82
C GLY A 355 -31.27 -17.29 55.57
N VAL A 356 -31.65 -17.09 56.82
CA VAL A 356 -32.16 -18.18 57.65
C VAL A 356 -33.45 -18.76 57.07
N ALA A 357 -33.94 -19.83 57.68
CA ALA A 357 -35.16 -20.48 57.22
C ALA A 357 -36.19 -20.57 58.34
N MET B 1 -44.02 5.25 5.86
CA MET B 1 -43.43 4.69 4.66
C MET B 1 -42.00 4.20 4.92
N LYS B 2 -41.25 4.00 3.84
CA LYS B 2 -39.87 3.53 3.96
C LYS B 2 -38.91 4.48 3.23
N LYS B 3 -37.68 4.54 3.72
CA LYS B 3 -36.67 5.40 3.11
C LYS B 3 -36.27 4.92 1.72
N VAL B 4 -36.51 5.77 0.73
CA VAL B 4 -36.24 5.42 -0.66
C VAL B 4 -35.06 6.19 -1.22
N VAL B 5 -34.19 5.49 -1.96
CA VAL B 5 -33.01 6.09 -2.54
C VAL B 5 -32.88 5.72 -4.02
N LEU B 6 -32.88 6.71 -4.88
CA LEU B 6 -32.76 6.48 -6.32
C LEU B 6 -31.32 6.59 -6.79
N GLY B 7 -30.93 5.72 -7.71
CA GLY B 7 -29.56 5.69 -8.20
C GLY B 7 -29.47 5.49 -9.70
N LYS B 8 -28.36 5.94 -10.28
CA LYS B 8 -28.15 5.85 -11.72
C LYS B 8 -27.34 4.62 -12.08
N LYS B 9 -27.77 3.92 -13.13
CA LYS B 9 -27.04 2.76 -13.63
C LYS B 9 -25.60 3.12 -13.95
N GLY B 10 -24.67 2.34 -13.41
CA GLY B 10 -23.25 2.60 -13.62
C GLY B 10 -22.64 3.46 -12.52
N ASP B 11 -23.49 4.17 -11.79
CA ASP B 11 -23.05 5.04 -10.70
C ASP B 11 -22.77 4.29 -9.41
N THR B 12 -22.26 5.02 -8.42
CA THR B 12 -21.97 4.46 -7.10
C THR B 12 -22.92 5.08 -6.07
N VAL B 13 -23.36 4.26 -5.12
CA VAL B 13 -24.30 4.71 -4.10
C VAL B 13 -23.82 4.34 -2.70
N GLU B 14 -23.99 5.25 -1.75
CA GLU B 14 -23.65 4.98 -0.37
C GLU B 14 -24.91 4.96 0.50
N LEU B 15 -25.26 3.77 0.97
CA LEU B 15 -26.40 3.59 1.87
C LEU B 15 -25.92 3.70 3.31
N THR B 16 -26.53 4.59 4.07
CA THR B 16 -26.04 4.93 5.40
C THR B 16 -26.64 4.10 6.52
N CYS B 17 -25.91 4.04 7.63
CA CYS B 17 -26.35 3.31 8.82
C CYS B 17 -25.66 3.93 10.02
N THR B 18 -26.43 4.33 11.02
CA THR B 18 -25.85 5.02 12.17
C THR B 18 -26.38 4.51 13.50
N ALA B 19 -25.46 4.16 14.39
CA ALA B 19 -25.81 3.66 15.72
C ALA B 19 -26.13 4.81 16.66
N SER B 20 -26.76 4.48 17.79
CA SER B 20 -27.15 5.47 18.78
C SER B 20 -25.94 6.08 19.49
N GLN B 21 -24.85 5.34 19.56
CA GLN B 21 -23.61 5.82 20.16
C GLN B 21 -22.43 5.64 19.23
N LYS B 22 -21.44 6.53 19.35
CA LYS B 22 -20.29 6.54 18.45
C LYS B 22 -19.23 5.50 18.79
N LYS B 23 -19.49 4.25 18.43
CA LYS B 23 -18.50 3.18 18.61
C LYS B 23 -18.80 1.99 17.70
N SER B 24 -17.76 1.27 17.29
CA SER B 24 -17.91 0.12 16.41
C SER B 24 -18.64 -1.03 17.08
N ILE B 25 -19.76 -1.43 16.50
CA ILE B 25 -20.59 -2.51 17.04
C ILE B 25 -21.06 -3.41 15.90
N GLN B 26 -21.37 -4.66 16.23
CA GLN B 26 -21.78 -5.64 15.22
C GLN B 26 -22.94 -5.15 14.35
N PHE B 27 -22.64 -4.83 13.10
CA PHE B 27 -23.70 -4.52 12.13
C PHE B 27 -23.71 -5.55 11.03
N HIS B 28 -24.73 -5.50 10.17
CA HIS B 28 -24.84 -6.43 9.06
C HIS B 28 -25.90 -5.99 8.07
N TRP B 29 -25.51 -5.91 6.80
CA TRP B 29 -26.40 -5.50 5.73
C TRP B 29 -26.95 -6.73 5.01
N LYS B 30 -28.27 -6.81 4.90
CA LYS B 30 -28.89 -7.87 4.11
C LYS B 30 -29.88 -7.25 3.14
N ASN B 31 -30.45 -8.07 2.26
CA ASN B 31 -31.48 -7.59 1.36
C ASN B 31 -32.88 -7.96 1.85
N SER B 32 -33.79 -8.24 0.91
CA SER B 32 -35.16 -8.55 1.28
C SER B 32 -35.37 -10.04 1.37
N ASN B 33 -34.42 -10.80 0.81
CA ASN B 33 -34.44 -12.25 0.96
C ASN B 33 -33.58 -12.69 2.13
N GLN B 34 -33.26 -11.72 3.00
CA GLN B 34 -32.43 -11.99 4.17
C GLN B 34 -31.14 -12.69 3.78
N ILE B 35 -30.56 -12.27 2.66
CA ILE B 35 -29.30 -12.83 2.17
C ILE B 35 -28.14 -11.96 2.62
N LYS B 36 -27.20 -12.56 3.34
CA LYS B 36 -26.03 -11.85 3.84
C LYS B 36 -25.31 -11.13 2.70
N ILE B 37 -25.14 -9.82 2.85
CA ILE B 37 -24.47 -9.00 1.86
C ILE B 37 -23.07 -8.62 2.33
N LEU B 38 -23.01 -7.99 3.50
CA LEU B 38 -21.78 -7.44 4.01
C LEU B 38 -21.96 -7.01 5.47
N GLY B 39 -21.01 -7.38 6.31
CA GLY B 39 -21.02 -6.98 7.71
C GLY B 39 -19.64 -7.06 8.30
N ASN B 40 -19.53 -6.82 9.60
CA ASN B 40 -18.23 -6.88 10.27
C ASN B 40 -18.17 -7.96 11.34
N GLN B 41 -16.95 -8.30 11.73
CA GLN B 41 -16.71 -9.24 12.83
C GLN B 41 -15.59 -8.69 13.69
N GLY B 42 -15.90 -7.64 14.45
CA GLY B 42 -14.91 -6.94 15.22
C GLY B 42 -14.35 -5.79 14.42
N SER B 43 -13.13 -5.94 13.95
CA SER B 43 -12.52 -4.95 13.09
C SER B 43 -12.23 -5.55 11.72
N PHE B 44 -12.80 -6.74 11.48
CA PHE B 44 -12.68 -7.41 10.19
C PHE B 44 -13.99 -7.30 9.42
N LEU B 45 -13.88 -7.13 8.12
CA LEU B 45 -15.05 -7.08 7.24
C LEU B 45 -15.36 -8.48 6.71
N THR B 46 -16.63 -8.73 6.41
CA THR B 46 -17.04 -9.99 5.80
C THR B 46 -18.10 -9.75 4.74
N LYS B 47 -18.05 -10.52 3.66
CA LYS B 47 -19.02 -10.38 2.59
C LYS B 47 -19.83 -11.66 2.40
N GLY B 48 -21.14 -11.50 2.18
CA GLY B 48 -22.02 -12.63 2.03
C GLY B 48 -22.08 -13.16 0.60
N PRO B 49 -22.85 -14.24 0.40
CA PRO B 49 -22.96 -14.94 -0.88
C PRO B 49 -23.86 -14.24 -1.89
N SER B 50 -24.08 -12.94 -1.72
CA SER B 50 -24.96 -12.19 -2.61
C SER B 50 -24.32 -11.94 -3.96
N LYS B 51 -25.04 -11.27 -4.85
CA LYS B 51 -24.54 -10.98 -6.19
C LYS B 51 -23.83 -9.63 -6.25
N LEU B 52 -23.97 -8.82 -5.19
CA LEU B 52 -23.27 -7.55 -5.09
C LEU B 52 -21.90 -7.76 -4.49
N ASN B 53 -21.51 -9.03 -4.31
CA ASN B 53 -20.30 -9.37 -3.58
C ASN B 53 -19.07 -8.54 -3.96
N ASP B 54 -18.65 -8.64 -5.20
CA ASP B 54 -17.44 -7.95 -5.66
C ASP B 54 -17.60 -6.44 -5.74
N ARG B 55 -18.83 -5.95 -5.72
CA ARG B 55 -19.10 -4.53 -5.93
C ARG B 55 -19.54 -3.78 -4.67
N ALA B 56 -19.90 -4.52 -3.64
CA ALA B 56 -20.28 -3.94 -2.36
C ALA B 56 -19.12 -3.97 -1.38
N ASP B 57 -18.93 -2.90 -0.62
CA ASP B 57 -17.77 -2.80 0.26
C ASP B 57 -17.75 -1.49 1.05
N SER B 58 -18.19 -1.54 2.30
CA SER B 58 -18.09 -0.41 3.23
C SER B 58 -16.64 -0.11 3.53
N ARG B 59 -16.36 1.04 4.15
CA ARG B 59 -15.01 1.30 4.65
C ARG B 59 -14.94 1.58 6.14
N ARG B 60 -13.94 0.96 6.77
CA ARG B 60 -13.89 0.79 8.22
C ARG B 60 -13.58 2.05 9.02
N SER B 61 -12.87 3.00 8.41
CA SER B 61 -12.42 4.18 9.12
C SER B 61 -13.53 4.90 9.88
N LEU B 62 -14.77 4.71 9.43
CA LEU B 62 -15.92 5.40 10.02
C LEU B 62 -16.68 4.58 11.05
N TRP B 63 -16.36 3.30 11.18
CA TRP B 63 -17.07 2.43 12.12
C TRP B 63 -16.95 2.92 13.56
N ASP B 64 -15.85 3.57 13.87
CA ASP B 64 -15.59 4.04 15.23
C ASP B 64 -16.49 5.20 15.62
N GLN B 65 -17.21 5.76 14.66
CA GLN B 65 -18.16 6.83 14.91
C GLN B 65 -19.59 6.33 14.80
N GLY B 66 -19.74 5.02 14.67
CA GLY B 66 -21.06 4.42 14.54
C GLY B 66 -21.61 4.50 13.13
N ASN B 67 -20.74 4.80 12.16
CA ASN B 67 -21.14 4.83 10.76
C ASN B 67 -20.79 3.53 10.04
N PHE B 68 -21.81 2.85 9.52
CA PHE B 68 -21.63 1.56 8.87
C PHE B 68 -22.30 1.51 7.52
N PRO B 69 -21.76 2.25 6.54
CA PRO B 69 -22.38 2.39 5.21
C PRO B 69 -22.25 1.12 4.40
N LEU B 70 -23.13 0.94 3.42
CA LEU B 70 -23.00 -0.11 2.44
C LEU B 70 -22.85 0.54 1.07
N ILE B 71 -21.64 0.51 0.54
CA ILE B 71 -21.38 1.19 -0.74
C ILE B 71 -21.40 0.22 -1.91
N ILE B 72 -22.25 0.52 -2.89
CA ILE B 72 -22.35 -0.29 -4.09
C ILE B 72 -21.88 0.48 -5.32
N LYS B 73 -20.86 -0.04 -5.99
CA LYS B 73 -20.29 0.63 -7.15
C LYS B 73 -20.78 -0.04 -8.42
N ASN B 74 -20.62 0.64 -9.56
CA ASN B 74 -21.03 0.11 -10.84
C ASN B 74 -22.44 -0.47 -10.76
N LEU B 75 -23.36 0.33 -10.24
CA LEU B 75 -24.74 -0.11 -10.05
C LEU B 75 -25.30 -0.79 -11.28
N LYS B 76 -26.19 -1.75 -11.05
CA LYS B 76 -26.92 -2.41 -12.12
C LYS B 76 -28.40 -2.24 -11.85
N ILE B 77 -29.24 -2.70 -12.76
CA ILE B 77 -30.68 -2.61 -12.55
C ILE B 77 -31.14 -3.72 -11.61
N GLU B 78 -30.38 -4.82 -11.58
CA GLU B 78 -30.68 -5.95 -10.72
C GLU B 78 -30.40 -5.63 -9.25
N ASP B 79 -29.71 -4.51 -9.02
CA ASP B 79 -29.35 -4.08 -7.68
C ASP B 79 -30.51 -3.35 -7.01
N SER B 80 -31.65 -3.32 -7.69
CA SER B 80 -32.85 -2.71 -7.13
C SER B 80 -33.49 -3.66 -6.11
N ASP B 81 -33.53 -3.24 -4.85
CA ASP B 81 -33.99 -4.11 -3.77
C ASP B 81 -34.03 -3.36 -2.46
N THR B 82 -34.79 -3.88 -1.50
CA THR B 82 -34.85 -3.32 -0.16
C THR B 82 -33.68 -3.88 0.67
N TYR B 83 -32.84 -2.99 1.17
CA TYR B 83 -31.69 -3.41 1.98
C TYR B 83 -31.86 -3.04 3.45
N ILE B 84 -31.74 -4.05 4.32
CA ILE B 84 -31.94 -3.85 5.75
C ILE B 84 -30.61 -3.88 6.51
N CYS B 85 -30.36 -2.81 7.26
CA CYS B 85 -29.15 -2.75 8.09
C CYS B 85 -29.51 -3.13 9.52
N GLU B 86 -29.00 -4.26 9.97
CA GLU B 86 -29.26 -4.70 11.34
C GLU B 86 -28.12 -4.28 12.26
N VAL B 87 -28.42 -3.39 13.19
CA VAL B 87 -27.44 -2.98 14.19
C VAL B 87 -28.13 -2.74 15.52
N GLU B 88 -27.59 -3.35 16.57
CA GLU B 88 -28.13 -3.23 17.94
C GLU B 88 -29.66 -3.27 18.01
N ASP B 89 -30.23 -4.44 17.77
CA ASP B 89 -31.66 -4.67 17.94
C ASP B 89 -32.55 -3.73 17.14
N GLN B 90 -32.01 -3.18 16.05
CA GLN B 90 -32.80 -2.34 15.16
C GLN B 90 -32.59 -2.78 13.72
N LYS B 91 -33.66 -2.73 12.93
CA LYS B 91 -33.60 -3.14 11.53
C LYS B 91 -34.09 -2.03 10.60
N GLU B 92 -33.24 -1.04 10.36
CA GLU B 92 -33.58 0.05 9.44
C GLU B 92 -33.62 -0.43 7.99
N GLU B 93 -34.69 -0.07 7.28
CA GLU B 93 -34.93 -0.56 5.94
C GLU B 93 -34.73 0.54 4.91
N VAL B 94 -34.34 0.17 3.69
CA VAL B 94 -34.19 1.15 2.61
C VAL B 94 -34.50 0.57 1.24
N GLN B 95 -35.23 1.33 0.43
CA GLN B 95 -35.61 0.91 -0.91
C GLN B 95 -34.63 1.51 -1.92
N LEU B 96 -33.90 0.65 -2.63
CA LEU B 96 -33.00 1.12 -3.67
C LEU B 96 -33.60 0.89 -5.06
N LEU B 97 -33.65 1.96 -5.85
CA LEU B 97 -34.14 1.87 -7.21
C LEU B 97 -33.10 2.44 -8.18
N VAL B 98 -32.65 1.59 -9.10
CA VAL B 98 -31.63 1.98 -10.06
C VAL B 98 -32.22 2.14 -11.46
N PHE B 99 -32.30 3.42 -12.12
CA PHE B 99 -32.73 3.60 -13.51
C PHE B 99 -31.55 3.62 -14.45
N GLY B 100 -31.78 3.21 -15.70
CA GLY B 100 -30.77 3.26 -16.73
C GLY B 100 -31.36 3.88 -17.98
N LEU B 101 -30.51 4.39 -18.86
CA LEU B 101 -31.00 5.02 -20.08
C LEU B 101 -30.01 4.93 -21.24
N THR B 102 -30.46 4.32 -22.33
CA THR B 102 -29.62 4.14 -23.52
C THR B 102 -30.08 5.04 -24.66
N ALA B 103 -29.17 5.32 -25.59
CA ALA B 103 -29.47 6.19 -26.72
C ALA B 103 -29.01 5.60 -28.04
N ASN B 104 -29.97 5.30 -28.91
CA ASN B 104 -29.66 4.85 -30.27
C ASN B 104 -30.01 5.92 -31.30
N SER B 105 -29.10 6.18 -32.23
CA SER B 105 -29.34 7.18 -33.27
C SER B 105 -28.97 6.69 -34.66
N ASP B 106 -29.98 6.43 -35.49
CA ASP B 106 -29.76 5.94 -36.84
C ASP B 106 -30.08 6.99 -37.91
N THR B 107 -29.06 7.37 -38.67
CA THR B 107 -29.25 8.33 -39.75
C THR B 107 -29.24 7.65 -41.13
N HIS B 108 -30.27 7.92 -41.93
CA HIS B 108 -30.41 7.30 -43.24
C HIS B 108 -30.44 8.37 -44.34
N LEU B 109 -29.95 8.01 -45.52
CA LEU B 109 -30.02 8.91 -46.67
C LEU B 109 -31.47 8.99 -47.15
N LEU B 110 -31.88 10.17 -47.60
CA LEU B 110 -33.26 10.43 -48.02
C LEU B 110 -34.23 10.37 -46.84
N GLN B 111 -33.71 10.53 -45.63
CA GLN B 111 -34.52 10.47 -44.43
C GLN B 111 -34.06 11.51 -43.42
N GLY B 112 -32.86 11.30 -42.90
CA GLY B 112 -32.32 12.16 -41.85
C GLY B 112 -31.93 11.33 -40.64
N GLN B 113 -31.71 12.00 -39.51
CA GLN B 113 -31.23 11.33 -38.32
C GLN B 113 -32.34 11.15 -37.30
N SER B 114 -32.55 9.90 -36.85
CA SER B 114 -33.54 9.62 -35.81
C SER B 114 -32.86 9.38 -34.46
N LEU B 115 -33.61 9.56 -33.39
CA LEU B 115 -33.08 9.39 -32.05
C LEU B 115 -34.09 8.67 -31.17
N THR B 116 -33.64 7.64 -30.46
CA THR B 116 -34.52 6.91 -29.55
C THR B 116 -33.88 6.67 -28.19
N LEU B 117 -34.41 7.34 -27.17
CA LEU B 117 -33.93 7.16 -25.81
C LEU B 117 -34.80 6.14 -25.08
N THR B 118 -34.17 5.10 -24.54
CA THR B 118 -34.90 4.07 -23.83
C THR B 118 -34.53 4.01 -22.34
N LEU B 119 -35.55 3.99 -21.50
CA LEU B 119 -35.34 3.95 -20.06
C LEU B 119 -35.47 2.53 -19.54
N GLU B 120 -34.40 2.04 -18.90
CA GLU B 120 -34.43 0.75 -18.24
C GLU B 120 -34.81 0.96 -16.79
N SER B 121 -36.07 0.71 -16.46
CA SER B 121 -36.57 0.93 -15.12
C SER B 121 -36.70 -0.39 -14.36
N PRO B 122 -36.56 -0.33 -13.02
CA PRO B 122 -36.69 -1.47 -12.12
C PRO B 122 -38.10 -2.04 -12.11
N PRO B 123 -38.23 -3.37 -11.93
CA PRO B 123 -39.52 -4.07 -11.91
C PRO B 123 -40.50 -3.46 -10.92
N GLY B 124 -41.67 -3.06 -11.40
CA GLY B 124 -42.66 -2.44 -10.55
C GLY B 124 -42.28 -1.02 -10.16
N SER B 125 -42.48 -0.10 -11.09
CA SER B 125 -42.21 1.31 -10.86
C SER B 125 -42.86 2.16 -11.96
N SER B 126 -43.28 3.37 -11.60
CA SER B 126 -43.93 4.26 -12.55
C SER B 126 -43.11 5.53 -12.79
N PRO B 127 -42.12 5.45 -13.71
CA PRO B 127 -41.25 6.58 -14.01
C PRO B 127 -41.86 7.49 -15.06
N SER B 128 -41.49 8.77 -15.03
CA SER B 128 -41.94 9.72 -16.04
C SER B 128 -40.75 10.47 -16.61
N VAL B 129 -40.41 10.18 -17.87
CA VAL B 129 -39.24 10.78 -18.49
C VAL B 129 -39.54 12.09 -19.19
N GLN B 130 -38.65 13.07 -18.99
CA GLN B 130 -38.82 14.40 -19.56
C GLN B 130 -37.49 14.86 -20.16
N CYS B 131 -37.32 14.67 -21.45
CA CYS B 131 -36.07 15.04 -22.12
C CYS B 131 -36.10 16.49 -22.60
N ARG B 132 -35.00 17.20 -22.39
CA ARG B 132 -34.92 18.62 -22.74
C ARG B 132 -33.97 18.87 -23.92
N SER B 133 -34.53 19.32 -25.04
CA SER B 133 -33.73 19.73 -26.18
C SER B 133 -32.81 20.87 -25.76
N PRO B 134 -31.60 20.93 -26.36
CA PRO B 134 -30.61 21.96 -26.05
C PRO B 134 -31.21 23.37 -26.08
N ARG B 135 -32.13 23.61 -27.01
CA ARG B 135 -32.71 24.94 -27.17
C ARG B 135 -33.93 25.17 -26.28
N GLY B 136 -34.30 24.14 -25.51
CA GLY B 136 -35.39 24.27 -24.56
C GLY B 136 -36.66 23.53 -24.95
N LYS B 137 -36.56 22.69 -25.97
CA LYS B 137 -37.71 21.96 -26.48
C LYS B 137 -37.96 20.67 -25.70
N ASN B 138 -38.71 20.77 -24.62
CA ASN B 138 -39.05 19.62 -23.78
C ASN B 138 -39.98 18.64 -24.47
N ILE B 139 -39.74 17.35 -24.26
CA ILE B 139 -40.58 16.31 -24.83
C ILE B 139 -40.98 15.27 -23.78
N GLN B 140 -42.26 14.90 -23.77
CA GLN B 140 -42.76 13.91 -22.83
C GLN B 140 -42.44 12.50 -23.34
N GLY B 141 -42.55 11.51 -22.47
CA GLY B 141 -42.31 10.14 -22.87
C GLY B 141 -42.49 9.13 -21.76
N GLY B 142 -42.77 7.89 -22.15
CA GLY B 142 -42.90 6.80 -21.20
C GLY B 142 -41.62 5.97 -21.10
N LYS B 143 -41.68 4.76 -21.64
CA LYS B 143 -40.52 3.86 -21.62
C LYS B 143 -39.43 4.38 -22.56
N THR B 144 -39.84 4.74 -23.77
CA THR B 144 -38.91 5.25 -24.78
C THR B 144 -39.37 6.60 -25.32
N LEU B 145 -38.41 7.47 -25.65
CA LEU B 145 -38.71 8.75 -26.26
C LEU B 145 -38.03 8.82 -27.63
N SER B 146 -38.82 9.05 -28.67
CA SER B 146 -38.29 9.06 -30.03
C SER B 146 -38.30 10.44 -30.68
N VAL B 147 -37.38 10.66 -31.61
CA VAL B 147 -37.36 11.85 -32.44
C VAL B 147 -37.10 11.41 -33.88
N SER B 148 -38.11 11.53 -34.73
CA SER B 148 -38.03 11.06 -36.10
C SER B 148 -36.85 11.68 -36.87
N GLN B 149 -36.81 13.00 -36.93
CA GLN B 149 -35.72 13.68 -37.63
C GLN B 149 -35.18 14.84 -36.81
N LEU B 150 -33.91 14.74 -36.43
CA LEU B 150 -33.24 15.80 -35.69
C LEU B 150 -33.05 17.05 -36.55
N GLU B 151 -32.71 18.15 -35.90
CA GLU B 151 -32.41 19.39 -36.62
C GLU B 151 -31.04 19.89 -36.18
N LEU B 152 -30.52 20.88 -36.89
CA LEU B 152 -29.20 21.41 -36.60
C LEU B 152 -29.11 22.00 -35.19
N GLN B 153 -30.21 22.53 -34.69
CA GLN B 153 -30.23 23.16 -33.38
C GLN B 153 -30.22 22.13 -32.24
N ASP B 154 -30.71 20.93 -32.53
CA ASP B 154 -30.79 19.87 -31.53
C ASP B 154 -29.41 19.33 -31.15
N SER B 155 -28.37 19.80 -31.83
CA SER B 155 -27.02 19.38 -31.52
C SER B 155 -26.54 20.08 -30.25
N GLY B 156 -26.20 19.28 -29.23
CA GLY B 156 -25.73 19.83 -27.97
C GLY B 156 -25.94 18.90 -26.79
N THR B 157 -26.36 19.47 -25.67
CA THR B 157 -26.50 18.71 -24.43
C THR B 157 -27.97 18.58 -24.01
N TRP B 158 -28.51 17.37 -24.16
CA TRP B 158 -29.87 17.07 -23.74
C TRP B 158 -29.89 16.61 -22.30
N THR B 159 -30.79 17.17 -21.49
CA THR B 159 -30.98 16.68 -20.13
C THR B 159 -32.30 15.95 -20.00
N CYS B 160 -32.23 14.66 -19.70
CA CYS B 160 -33.43 13.86 -19.47
C CYS B 160 -33.59 13.54 -17.99
N THR B 161 -34.66 14.07 -17.40
CA THR B 161 -34.88 13.92 -15.97
C THR B 161 -36.00 12.93 -15.66
N VAL B 162 -35.65 11.87 -14.95
CA VAL B 162 -36.60 10.83 -14.57
C VAL B 162 -37.29 11.16 -13.25
N LEU B 163 -38.62 11.01 -13.24
CA LEU B 163 -39.41 11.39 -12.07
C LEU B 163 -40.05 10.16 -11.42
N GLN B 164 -39.66 9.91 -10.17
CA GLN B 164 -40.17 8.77 -9.42
C GLN B 164 -40.28 9.09 -7.93
N ASN B 165 -41.42 8.75 -7.35
CA ASN B 165 -41.65 8.98 -5.92
C ASN B 165 -41.25 10.38 -5.47
N GLN B 166 -41.78 11.37 -6.17
CA GLN B 166 -41.65 12.78 -5.76
C GLN B 166 -40.31 13.42 -6.07
N LYS B 167 -39.25 12.62 -6.22
CA LYS B 167 -37.93 13.17 -6.54
C LYS B 167 -37.44 12.67 -7.89
N LYS B 168 -36.29 13.17 -8.33
CA LYS B 168 -35.83 12.96 -9.70
C LYS B 168 -34.36 12.59 -9.81
N VAL B 169 -34.01 11.99 -10.96
CA VAL B 169 -32.62 11.71 -11.31
C VAL B 169 -32.36 12.23 -12.73
N GLU B 170 -31.20 12.85 -12.92
CA GLU B 170 -30.93 13.59 -14.15
C GLU B 170 -29.89 12.92 -15.03
N PHE B 171 -30.24 12.71 -16.29
CA PHE B 171 -29.31 12.15 -17.27
C PHE B 171 -28.84 13.20 -18.25
N LYS B 172 -27.57 13.15 -18.64
CA LYS B 172 -27.05 14.07 -19.64
C LYS B 172 -26.55 13.31 -20.87
N ILE B 173 -26.97 13.78 -22.04
CA ILE B 173 -26.60 13.15 -23.31
C ILE B 173 -26.12 14.18 -24.31
N ASP B 174 -24.87 14.06 -24.74
CA ASP B 174 -24.36 14.90 -25.81
C ASP B 174 -24.79 14.34 -27.16
N ILE B 175 -25.64 15.08 -27.86
CA ILE B 175 -26.14 14.64 -29.17
C ILE B 175 -25.36 15.28 -30.33
N VAL B 176 -24.82 14.43 -31.19
CA VAL B 176 -24.11 14.88 -32.38
C VAL B 176 -25.01 14.69 -33.60
N VAL B 177 -25.28 15.77 -34.32
CA VAL B 177 -26.18 15.72 -35.47
C VAL B 177 -25.43 15.51 -36.80
N LEU B 178 -25.70 14.38 -37.44
CA LEU B 178 -25.01 13.98 -38.65
C LEU B 178 -25.70 14.50 -39.91
N ALA B 179 -27.02 14.62 -39.84
CA ALA B 179 -27.82 14.99 -41.01
C ALA B 179 -29.15 15.64 -40.61
N PHE B 180 -29.47 16.75 -41.27
CA PHE B 180 -30.76 17.41 -41.08
C PHE B 180 -31.37 17.80 -42.43
N GLN B 181 -32.69 17.72 -42.52
CA GLN B 181 -33.39 18.04 -43.75
C GLN B 181 -33.47 19.54 -43.98
N LYS B 182 -33.52 19.93 -45.26
CA LYS B 182 -33.48 21.33 -45.64
C LYS B 182 -34.20 21.51 -46.98
N ALA B 183 -35.09 22.49 -47.04
CA ALA B 183 -35.78 22.79 -48.29
C ALA B 183 -34.79 23.24 -49.34
N SER B 184 -34.81 22.59 -50.50
CA SER B 184 -33.89 22.93 -51.59
C SER B 184 -34.53 23.95 -52.52
N ASP C 1 7.64 9.60 8.82
CA ASP C 1 8.47 8.44 8.53
C ASP C 1 9.75 8.45 9.36
N ILE C 2 10.54 7.39 9.22
CA ILE C 2 11.82 7.30 9.93
C ILE C 2 12.94 7.82 9.04
N GLN C 3 13.81 8.64 9.61
CA GLN C 3 14.85 9.33 8.84
C GLN C 3 16.15 8.55 8.76
N MET C 4 16.71 8.44 7.56
CA MET C 4 18.02 7.86 7.36
C MET C 4 19.01 8.97 7.06
N THR C 5 20.03 9.10 7.90
CA THR C 5 21.01 10.18 7.76
C THR C 5 22.41 9.62 7.61
N GLN C 6 22.95 9.70 6.40
CA GLN C 6 24.31 9.24 6.18
C GLN C 6 25.28 10.40 5.94
N SER C 7 26.52 10.19 6.38
CA SER C 7 27.57 11.21 6.24
C SER C 7 28.92 10.52 6.06
N PRO C 8 29.89 11.23 5.46
CA PRO C 8 29.72 12.61 4.96
C PRO C 8 28.90 12.62 3.68
N SER C 9 28.59 13.82 3.18
CA SER C 9 27.87 13.97 1.93
C SER C 9 28.81 13.71 0.76
N SER C 10 30.07 14.10 0.94
CA SER C 10 31.10 13.87 -0.06
C SER C 10 32.42 13.52 0.62
N VAL C 11 33.21 12.67 -0.02
CA VAL C 11 34.52 12.29 0.50
C VAL C 11 35.49 11.98 -0.63
N SER C 12 36.66 12.59 -0.59
CA SER C 12 37.68 12.34 -1.60
C SER C 12 38.79 11.44 -1.08
N ALA C 13 39.17 10.46 -1.87
CA ALA C 13 40.19 9.51 -1.47
C ALA C 13 40.99 8.99 -2.65
N SER C 14 42.23 8.58 -2.40
CA SER C 14 43.09 8.03 -3.44
C SER C 14 42.90 6.53 -3.57
N VAL C 15 43.50 5.94 -4.60
CA VAL C 15 43.43 4.50 -4.79
C VAL C 15 44.23 3.82 -3.68
N GLY C 16 43.83 2.62 -3.30
CA GLY C 16 44.50 1.89 -2.24
C GLY C 16 44.09 2.38 -0.86
N ASP C 17 43.56 3.60 -0.81
CA ASP C 17 43.10 4.21 0.43
C ASP C 17 41.91 3.41 0.96
N ARG C 18 41.65 3.54 2.27
CA ARG C 18 40.50 2.88 2.89
C ARG C 18 39.47 3.93 3.34
N VAL C 19 38.22 3.72 2.95
CA VAL C 19 37.18 4.72 3.17
C VAL C 19 36.02 4.15 3.99
N THR C 20 35.49 4.99 4.88
CA THR C 20 34.37 4.60 5.72
C THR C 20 33.25 5.63 5.66
N ILE C 21 32.06 5.19 5.24
CA ILE C 21 30.89 6.06 5.26
C ILE C 21 29.85 5.47 6.20
N THR C 22 29.21 6.34 6.97
CA THR C 22 28.30 5.88 8.02
C THR C 22 26.86 6.28 7.74
N CYS C 23 25.93 5.50 8.29
CA CYS C 23 24.51 5.78 8.19
C CYS C 23 23.94 5.77 9.61
N ARG C 24 22.73 6.30 9.76
CA ARG C 24 22.15 6.45 11.09
C ARG C 24 20.63 6.65 11.02
N ALA C 25 19.90 5.69 11.57
CA ALA C 25 18.44 5.75 11.57
C ALA C 25 17.92 6.45 12.82
N SER C 26 16.84 7.20 12.68
CA SER C 26 16.26 7.92 13.81
C SER C 26 15.58 6.97 14.78
N GLN C 27 15.34 5.74 14.32
CA GLN C 27 14.72 4.72 15.16
C GLN C 27 15.32 3.34 14.89
N ASP C 28 15.32 2.49 15.90
CA ASP C 28 15.90 1.15 15.83
C ASP C 28 15.30 0.33 14.69
N ILE C 29 16.17 -0.19 13.82
CA ILE C 29 15.72 -1.00 12.69
C ILE C 29 16.48 -2.33 12.61
N SER C 30 17.14 -2.71 13.70
CA SER C 30 17.89 -3.97 13.76
C SER C 30 19.00 -4.02 12.72
N THR C 31 19.18 -5.18 12.11
CA THR C 31 20.23 -5.38 11.11
C THR C 31 19.67 -5.29 9.70
N TRP C 32 18.49 -4.67 9.59
CA TRP C 32 17.83 -4.57 8.30
C TRP C 32 18.25 -3.30 7.53
N LEU C 33 19.43 -3.38 6.92
CA LEU C 33 19.97 -2.25 6.16
C LEU C 33 20.55 -2.76 4.85
N ALA C 34 20.70 -1.86 3.88
CA ALA C 34 21.25 -2.21 2.58
C ALA C 34 22.07 -1.06 2.01
N TRP C 35 23.16 -1.40 1.33
CA TRP C 35 24.02 -0.41 0.71
C TRP C 35 24.00 -0.56 -0.81
N TYR C 36 23.90 0.57 -1.51
CA TYR C 36 23.93 0.56 -2.96
C TYR C 36 25.05 1.42 -3.51
N GLN C 37 25.56 1.05 -4.67
CA GLN C 37 26.50 1.88 -5.41
C GLN C 37 25.79 2.37 -6.66
N GLN C 38 26.06 3.61 -7.06
CA GLN C 38 25.44 4.14 -8.27
C GLN C 38 26.34 5.11 -9.03
N LYS C 39 26.76 4.69 -10.22
CA LYS C 39 27.57 5.54 -11.09
C LYS C 39 26.66 6.35 -12.00
N PRO C 40 27.10 7.58 -12.34
CA PRO C 40 26.29 8.50 -13.15
C PRO C 40 25.76 7.85 -14.42
N GLY C 41 24.47 8.05 -14.68
CA GLY C 41 23.86 7.61 -15.92
C GLY C 41 23.33 6.19 -15.92
N LYS C 42 23.32 5.54 -14.76
CA LYS C 42 22.83 4.17 -14.70
C LYS C 42 22.10 3.82 -13.40
N ALA C 43 21.49 2.64 -13.38
CA ALA C 43 20.70 2.19 -12.24
C ALA C 43 21.59 1.65 -11.12
N PRO C 44 21.19 1.88 -9.86
CA PRO C 44 21.91 1.46 -8.65
C PRO C 44 22.17 -0.05 -8.61
N LYS C 45 23.23 -0.43 -7.90
CA LYS C 45 23.65 -1.81 -7.81
C LYS C 45 23.71 -2.24 -6.35
N LEU C 46 23.01 -3.31 -5.99
CA LEU C 46 23.01 -3.81 -4.62
C LEU C 46 24.41 -4.27 -4.24
N LEU C 47 24.87 -3.79 -3.08
CA LEU C 47 26.19 -4.16 -2.57
C LEU C 47 26.05 -5.06 -1.35
N ILE C 48 25.36 -4.57 -0.34
CA ILE C 48 25.24 -5.27 0.93
C ILE C 48 23.78 -5.34 1.38
N TYR C 49 23.40 -6.49 1.90
CA TYR C 49 22.07 -6.66 2.46
C TYR C 49 22.18 -7.27 3.84
N ALA C 50 21.19 -6.99 4.69
CA ALA C 50 21.24 -7.42 6.09
C ALA C 50 22.40 -6.76 6.82
N ALA C 51 22.74 -5.56 6.39
CA ALA C 51 23.76 -4.73 7.05
C ALA C 51 25.18 -5.22 6.93
N SER C 52 25.36 -6.54 6.86
CA SER C 52 26.70 -7.13 6.86
C SER C 52 26.90 -8.16 5.75
N THR C 53 25.81 -8.72 5.23
CA THR C 53 25.92 -9.78 4.24
C THR C 53 26.28 -9.26 2.85
N LEU C 54 27.32 -9.83 2.27
CA LEU C 54 27.81 -9.40 0.97
C LEU C 54 26.97 -9.97 -0.16
N GLN C 55 26.65 -9.14 -1.14
CA GLN C 55 25.92 -9.59 -2.33
C GLN C 55 26.83 -10.45 -3.21
N SER C 56 26.26 -11.43 -3.88
CA SER C 56 27.02 -12.36 -4.71
C SER C 56 27.69 -11.65 -5.88
N GLY C 57 28.96 -11.99 -6.11
CA GLY C 57 29.72 -11.40 -7.20
C GLY C 57 30.24 -10.01 -6.89
N VAL C 58 30.37 -9.71 -5.61
CA VAL C 58 30.87 -8.40 -5.16
C VAL C 58 32.20 -8.57 -4.45
N PRO C 59 33.21 -7.76 -4.83
CA PRO C 59 34.56 -7.77 -4.28
C PRO C 59 34.57 -7.86 -2.75
N SER C 60 35.45 -8.70 -2.21
CA SER C 60 35.51 -8.96 -0.78
C SER C 60 35.94 -7.73 0.02
N ARG C 61 36.56 -6.78 -0.65
CA ARG C 61 37.04 -5.57 0.01
C ARG C 61 35.88 -4.67 0.45
N PHE C 62 34.66 -5.08 0.12
CA PHE C 62 33.46 -4.39 0.58
C PHE C 62 32.87 -5.08 1.80
N SER C 63 32.47 -4.28 2.79
CA SER C 63 31.91 -4.82 4.02
C SER C 63 31.24 -3.73 4.85
N GLY C 64 30.11 -4.07 5.44
CA GLY C 64 29.39 -3.16 6.31
C GLY C 64 29.17 -3.77 7.67
N SER C 65 29.08 -2.93 8.70
CA SER C 65 28.83 -3.41 10.05
C SER C 65 27.78 -2.53 10.73
N GLY C 66 27.54 -2.80 12.02
CA GLY C 66 26.57 -2.03 12.78
C GLY C 66 25.28 -2.78 12.98
N SER C 67 24.52 -2.39 13.99
CA SER C 67 23.23 -2.99 14.28
C SER C 67 22.36 -2.04 15.09
N GLY C 68 21.07 -1.99 14.74
CA GLY C 68 20.15 -1.12 15.43
C GLY C 68 19.93 0.22 14.74
N THR C 69 20.79 1.18 15.04
CA THR C 69 20.63 2.53 14.49
C THR C 69 21.89 3.03 13.77
N ASP C 70 23.06 2.64 14.27
CA ASP C 70 24.31 3.09 13.69
C ASP C 70 24.96 2.04 12.80
N PHE C 71 25.14 2.39 11.53
CA PHE C 71 25.71 1.47 10.55
C PHE C 71 26.87 2.13 9.82
N SER C 72 27.63 1.34 9.06
CA SER C 72 28.75 1.88 8.30
C SER C 72 29.21 0.93 7.19
N LEU C 73 29.38 1.49 5.98
CA LEU C 73 29.96 0.76 4.86
C LEU C 73 31.43 1.15 4.73
N THR C 74 32.27 0.16 4.45
CA THR C 74 33.72 0.38 4.41
C THR C 74 34.38 -0.35 3.25
N ILE C 75 35.20 0.37 2.49
CA ILE C 75 35.95 -0.22 1.41
C ILE C 75 37.43 -0.25 1.75
N ASN C 76 38.02 -1.44 1.70
CA ASN C 76 39.44 -1.60 2.01
C ASN C 76 40.33 -0.93 0.97
N SER C 77 40.84 -1.72 0.03
CA SER C 77 41.69 -1.19 -1.02
C SER C 77 40.83 -0.53 -2.08
N LEU C 78 40.69 0.80 -2.01
CA LEU C 78 39.86 1.54 -2.93
C LEU C 78 40.33 1.35 -4.38
N GLN C 79 39.38 1.20 -5.30
CA GLN C 79 39.70 0.91 -6.69
C GLN C 79 39.15 1.98 -7.62
N PRO C 80 39.66 2.04 -8.86
CA PRO C 80 39.19 2.99 -9.88
C PRO C 80 37.70 2.85 -10.17
N GLU C 81 37.19 1.62 -10.14
CA GLU C 81 35.77 1.39 -10.40
C GLU C 81 34.93 1.44 -9.13
N ASP C 82 35.53 1.96 -8.05
CA ASP C 82 34.84 2.08 -6.78
C ASP C 82 34.39 3.51 -6.51
N PHE C 83 34.80 4.43 -7.39
CA PHE C 83 34.40 5.82 -7.25
C PHE C 83 33.00 6.05 -7.81
N ALA C 84 32.04 6.24 -6.91
CA ALA C 84 30.66 6.48 -7.29
C ALA C 84 29.92 7.14 -6.13
N THR C 85 28.59 7.06 -6.16
CA THR C 85 27.78 7.55 -5.06
C THR C 85 27.12 6.37 -4.34
N TYR C 86 27.23 6.35 -3.02
CA TYR C 86 26.70 5.24 -2.24
C TYR C 86 25.49 5.65 -1.41
N TYR C 87 24.52 4.74 -1.31
CA TYR C 87 23.32 4.98 -0.53
C TYR C 87 23.06 3.86 0.47
N CYS C 88 22.56 4.22 1.65
CA CYS C 88 22.07 3.22 2.59
C CYS C 88 20.55 3.18 2.50
N GLN C 89 19.94 2.15 3.08
CA GLN C 89 18.49 2.01 2.97
C GLN C 89 17.87 1.11 4.04
N GLN C 90 16.89 1.66 4.76
CA GLN C 90 16.08 0.87 5.69
C GLN C 90 15.41 -0.26 4.91
N ALA C 91 15.35 -1.45 5.49
CA ALA C 91 14.84 -2.60 4.74
C ALA C 91 13.93 -3.54 5.53
N ASN C 92 13.37 -3.06 6.63
CA ASN C 92 12.55 -3.89 7.50
C ASN C 92 11.05 -3.78 7.24
N SER C 93 10.65 -2.70 6.59
CA SER C 93 9.24 -2.42 6.33
C SER C 93 9.15 -1.32 5.29
N PHE C 94 9.51 -0.10 5.68
CA PHE C 94 9.70 0.98 4.75
C PHE C 94 11.11 0.88 4.20
N PHE C 95 11.39 1.60 3.12
CA PHE C 95 12.65 1.47 2.43
C PHE C 95 13.28 2.82 2.15
N THR C 96 13.17 3.71 3.12
CA THR C 96 13.74 5.05 3.04
C THR C 96 15.23 5.00 2.71
N PHE C 97 15.68 5.88 1.82
CA PHE C 97 17.08 5.97 1.44
C PHE C 97 17.78 7.07 2.21
N GLY C 98 19.07 6.91 2.43
CA GLY C 98 19.88 7.94 3.07
C GLY C 98 20.23 9.04 2.08
N GLY C 99 20.57 10.21 2.60
CA GLY C 99 20.85 11.36 1.75
C GLY C 99 21.74 11.04 0.56
N GLY C 100 22.83 10.32 0.82
CA GLY C 100 23.77 9.96 -0.22
C GLY C 100 25.19 10.35 0.13
N THR C 101 26.15 9.59 -0.36
CA THR C 101 27.55 9.88 -0.11
C THR C 101 28.37 9.68 -1.38
N LYS C 102 28.94 10.76 -1.89
CA LYS C 102 29.73 10.68 -3.10
C LYS C 102 31.20 10.49 -2.79
N VAL C 103 31.80 9.46 -3.36
CA VAL C 103 33.22 9.18 -3.18
C VAL C 103 33.97 9.50 -4.46
N GLU C 104 34.51 10.71 -4.54
CA GLU C 104 35.24 11.14 -5.72
C GLU C 104 36.75 11.04 -5.53
N ILE C 105 37.50 11.24 -6.62
CA ILE C 105 38.95 11.05 -6.60
C ILE C 105 39.69 12.26 -6.04
N LYS C 106 40.75 11.54 -6.24
CA LYS C 106 41.55 12.57 -5.62
C LYS C 106 42.75 12.87 -6.50
N ARG C 107 43.03 14.15 -6.71
CA ARG C 107 44.19 14.54 -7.50
C ARG C 107 44.75 15.88 -7.02
N THR C 108 45.55 16.53 -7.86
CA THR C 108 46.22 17.76 -7.47
C THR C 108 45.43 18.99 -7.90
N VAL C 109 45.59 20.08 -7.16
CA VAL C 109 44.93 21.33 -7.48
C VAL C 109 45.34 21.79 -8.87
N ALA C 110 44.35 22.00 -9.73
CA ALA C 110 44.60 22.48 -11.08
C ALA C 110 43.86 23.78 -11.33
N ALA C 111 44.56 24.75 -11.92
CA ALA C 111 43.96 26.04 -12.25
C ALA C 111 43.00 25.87 -13.43
N PRO C 112 41.93 26.68 -13.44
CA PRO C 112 40.91 26.63 -14.49
C PRO C 112 41.33 27.45 -15.70
N SER C 113 41.20 26.86 -16.89
CA SER C 113 41.38 27.61 -18.11
C SER C 113 40.11 28.42 -18.35
N VAL C 114 40.18 29.72 -18.09
CA VAL C 114 38.99 30.58 -18.16
C VAL C 114 38.75 31.14 -19.56
N PHE C 115 37.50 31.07 -20.01
CA PHE C 115 37.10 31.62 -21.30
C PHE C 115 35.82 32.44 -21.17
N ILE C 116 35.48 33.16 -22.23
CA ILE C 116 34.28 33.99 -22.26
C ILE C 116 33.74 34.10 -23.68
N PHE C 117 32.48 33.74 -23.86
CA PHE C 117 31.87 33.78 -25.19
C PHE C 117 30.68 34.73 -25.25
N PRO C 118 30.78 35.78 -26.08
CA PRO C 118 29.71 36.75 -26.29
C PRO C 118 28.58 36.16 -27.11
N PRO C 119 27.39 36.78 -27.06
CA PRO C 119 26.24 36.30 -27.84
C PRO C 119 26.51 36.40 -29.34
N SER C 120 26.22 35.33 -30.06
CA SER C 120 26.53 35.26 -31.48
C SER C 120 25.55 36.04 -32.35
N ASP C 121 25.58 35.75 -33.64
CA ASP C 121 24.73 36.42 -34.62
C ASP C 121 23.26 36.05 -34.47
N GLU C 122 22.95 34.78 -34.71
CA GLU C 122 21.57 34.32 -34.76
C GLU C 122 20.80 34.58 -33.47
N GLN C 123 21.51 34.59 -32.35
CA GLN C 123 20.88 34.77 -31.05
C GLN C 123 20.37 36.20 -30.86
N LEU C 124 20.91 37.13 -31.64
CA LEU C 124 20.50 38.51 -31.55
C LEU C 124 19.32 38.82 -32.46
N LYS C 125 19.13 37.99 -33.49
CA LYS C 125 18.03 38.15 -34.43
C LYS C 125 16.74 37.56 -33.89
N SER C 126 16.77 37.06 -32.67
CA SER C 126 15.60 36.49 -32.02
C SER C 126 15.16 37.32 -30.83
N GLY C 127 16.01 38.25 -30.41
CA GLY C 127 15.67 39.18 -29.36
C GLY C 127 15.92 38.69 -27.94
N THR C 128 16.90 37.82 -27.79
CA THR C 128 17.27 37.30 -26.47
C THR C 128 18.75 36.92 -26.42
N ALA C 129 19.52 37.62 -25.60
CA ALA C 129 20.96 37.40 -25.54
C ALA C 129 21.40 36.72 -24.24
N SER C 130 22.38 35.84 -24.35
CA SER C 130 22.93 35.12 -23.21
C SER C 130 24.43 34.92 -23.34
N VAL C 131 25.18 35.29 -22.30
CA VAL C 131 26.62 35.21 -22.33
C VAL C 131 27.14 33.96 -21.59
N VAL C 132 28.08 33.26 -22.23
CA VAL C 132 28.64 32.03 -21.67
C VAL C 132 30.01 32.27 -21.05
N CYS C 133 30.26 31.64 -19.92
CA CYS C 133 31.58 31.67 -19.27
C CYS C 133 32.04 30.23 -19.09
N LEU C 134 33.27 29.94 -19.47
CA LEU C 134 33.75 28.56 -19.43
C LEU C 134 35.02 28.36 -18.61
N LEU C 135 34.90 27.56 -17.56
CA LEU C 135 36.07 27.14 -16.77
C LEU C 135 36.41 25.72 -17.18
N ASN C 136 37.59 25.54 -17.78
CA ASN C 136 37.96 24.24 -18.31
C ASN C 136 38.99 23.51 -17.46
N ASN C 137 38.84 22.19 -17.39
CA ASN C 137 39.77 21.32 -16.67
C ASN C 137 40.38 21.92 -15.41
N PHE C 138 39.72 21.68 -14.27
CA PHE C 138 40.20 22.19 -13.00
C PHE C 138 39.89 21.24 -11.85
N TYR C 139 40.39 21.58 -10.66
CA TYR C 139 40.19 20.78 -9.47
C TYR C 139 40.60 21.60 -8.25
N PRO C 140 39.82 21.50 -7.17
CA PRO C 140 38.64 20.65 -7.03
C PRO C 140 37.37 21.25 -7.64
N ARG C 141 36.24 20.59 -7.38
CA ARG C 141 34.95 20.96 -7.96
C ARG C 141 34.42 22.29 -7.44
N GLU C 142 35.09 22.85 -6.43
CA GLU C 142 34.63 24.09 -5.82
C GLU C 142 35.11 25.32 -6.59
N ALA C 143 34.19 26.19 -6.96
CA ALA C 143 34.52 27.42 -7.68
C ALA C 143 33.41 28.47 -7.55
N LYS C 144 33.82 29.72 -7.32
CA LYS C 144 32.88 30.82 -7.11
C LYS C 144 32.90 31.80 -8.29
N VAL C 145 31.82 31.80 -9.06
CA VAL C 145 31.74 32.63 -10.27
C VAL C 145 30.76 33.80 -10.09
N GLN C 146 31.26 35.01 -10.34
CA GLN C 146 30.43 36.21 -10.25
C GLN C 146 30.37 36.92 -11.60
N TRP C 147 29.21 37.48 -11.92
CA TRP C 147 29.03 38.23 -13.16
C TRP C 147 28.98 39.72 -12.89
N LYS C 148 29.88 40.47 -13.53
CA LYS C 148 29.92 41.91 -13.35
C LYS C 148 29.79 42.65 -14.69
N VAL C 149 28.64 43.29 -14.90
CA VAL C 149 28.39 44.07 -16.09
C VAL C 149 28.65 45.54 -15.83
N ASP C 150 29.65 46.11 -16.50
CA ASP C 150 30.05 47.50 -16.26
C ASP C 150 30.38 47.72 -14.79
N ASN C 151 31.10 46.76 -14.21
CA ASN C 151 31.48 46.81 -12.79
C ASN C 151 30.29 46.75 -11.84
N ALA C 152 29.14 46.29 -12.34
CA ALA C 152 27.94 46.17 -11.54
C ALA C 152 27.54 44.71 -11.36
N LEU C 153 27.91 44.14 -10.22
CA LEU C 153 27.59 42.75 -9.91
C LEU C 153 26.09 42.54 -9.75
N GLN C 154 25.53 41.63 -10.56
CA GLN C 154 24.14 41.25 -10.43
C GLN C 154 23.98 39.77 -10.10
N SER C 155 22.79 39.40 -9.62
CA SER C 155 22.53 38.04 -9.18
C SER C 155 21.09 37.62 -9.49
N GLY C 156 20.89 36.37 -9.83
CA GLY C 156 19.56 35.83 -10.07
C GLY C 156 19.31 35.43 -11.50
N ASN C 157 20.05 36.03 -12.43
CA ASN C 157 19.85 35.78 -13.85
C ASN C 157 20.96 34.97 -14.50
N SER C 158 21.64 34.15 -13.71
CA SER C 158 22.71 33.30 -14.23
C SER C 158 22.52 31.84 -13.80
N GLN C 159 22.90 30.93 -14.68
CA GLN C 159 22.80 29.50 -14.38
C GLN C 159 24.07 28.75 -14.78
N GLU C 160 24.63 28.00 -13.84
CA GLU C 160 25.83 27.23 -14.09
C GLU C 160 25.57 25.73 -14.02
N SER C 161 26.49 24.94 -14.57
CA SER C 161 26.40 23.49 -14.49
C SER C 161 27.79 22.87 -14.62
N VAL C 162 28.06 21.84 -13.82
CA VAL C 162 29.36 21.20 -13.79
C VAL C 162 29.31 19.81 -14.41
N THR C 163 30.34 19.45 -15.18
CA THR C 163 30.44 18.12 -15.76
C THR C 163 30.87 17.11 -14.71
N GLU C 164 30.73 15.83 -15.03
CA GLU C 164 31.25 14.78 -14.16
C GLU C 164 32.77 14.75 -14.24
N GLN C 165 33.39 14.09 -13.28
CA GLN C 165 34.85 14.02 -13.22
C GLN C 165 35.40 13.25 -14.41
N ASP C 166 36.38 13.86 -15.10
CA ASP C 166 36.97 13.26 -16.29
C ASP C 166 37.57 11.89 -15.99
N SER C 167 37.25 10.91 -16.82
CA SER C 167 37.74 9.55 -16.63
C SER C 167 39.26 9.45 -16.79
N LYS C 168 39.85 10.40 -17.52
CA LYS C 168 41.28 10.36 -17.78
C LYS C 168 42.10 11.20 -16.79
N ASP C 169 41.86 12.50 -16.76
CA ASP C 169 42.61 13.39 -15.87
C ASP C 169 41.85 13.76 -14.60
N SER C 170 40.68 13.15 -14.42
CA SER C 170 39.81 13.37 -13.25
C SER C 170 39.69 14.84 -12.82
N THR C 171 39.30 15.70 -13.77
CA THR C 171 39.06 17.11 -13.48
C THR C 171 37.65 17.48 -13.89
N TYR C 172 37.20 18.64 -13.44
CA TYR C 172 35.85 19.10 -13.71
C TYR C 172 35.85 20.26 -14.71
N SER C 173 34.66 20.61 -15.20
CA SER C 173 34.50 21.79 -16.05
C SER C 173 33.14 22.42 -15.76
N LEU C 174 33.12 23.76 -15.72
CA LEU C 174 31.90 24.47 -15.34
C LEU C 174 31.59 25.58 -16.34
N SER C 175 30.32 25.75 -16.66
CA SER C 175 29.89 26.83 -17.55
C SER C 175 28.75 27.62 -16.95
N SER C 176 28.90 28.94 -16.91
CA SER C 176 27.88 29.81 -16.35
C SER C 176 27.23 30.64 -17.43
N THR C 177 25.90 30.68 -17.43
CA THR C 177 25.15 31.42 -18.44
C THR C 177 24.46 32.64 -17.86
N LEU C 178 24.77 33.80 -18.42
CA LEU C 178 24.13 35.05 -18.01
C LEU C 178 23.06 35.44 -19.02
N THR C 179 21.79 35.19 -18.67
CA THR C 179 20.69 35.51 -19.56
C THR C 179 20.12 36.90 -19.28
N LEU C 180 19.92 37.67 -20.34
CA LEU C 180 19.39 39.03 -20.20
C LEU C 180 18.20 39.26 -21.13
N SER C 181 18.42 40.09 -22.15
CA SER C 181 17.35 40.43 -23.09
C SER C 181 17.92 40.89 -24.42
N LYS C 182 17.19 41.77 -25.11
CA LYS C 182 17.60 42.27 -26.41
C LYS C 182 18.10 43.71 -26.30
N ALA C 183 17.62 44.42 -25.30
CA ALA C 183 17.97 45.83 -25.11
C ALA C 183 18.98 46.03 -23.99
N ASP C 184 18.86 45.24 -22.92
CA ASP C 184 19.76 45.35 -21.79
C ASP C 184 21.17 44.88 -22.12
N TYR C 185 21.33 44.29 -23.31
CA TYR C 185 22.63 43.82 -23.75
C TYR C 185 23.38 44.87 -24.56
N GLU C 186 22.63 45.69 -25.29
CA GLU C 186 23.24 46.70 -26.16
C GLU C 186 23.43 48.03 -25.43
N LYS C 187 22.68 48.22 -24.35
CA LYS C 187 22.82 49.42 -23.52
C LYS C 187 24.11 49.38 -22.71
N HIS C 188 24.83 48.27 -22.83
CA HIS C 188 26.12 48.11 -22.16
C HIS C 188 27.16 47.60 -23.15
N LYS C 189 28.42 47.58 -22.75
CA LYS C 189 29.49 47.26 -23.69
C LYS C 189 30.68 46.54 -23.03
N LEU C 190 30.69 46.51 -21.70
CA LEU C 190 31.76 45.82 -20.98
C LEU C 190 31.22 44.75 -20.02
N TYR C 191 31.39 43.49 -20.40
CA TYR C 191 30.95 42.37 -19.56
C TYR C 191 32.16 41.58 -19.08
N ALA C 192 31.99 40.88 -17.96
CA ALA C 192 33.09 40.08 -17.40
C ALA C 192 32.58 39.10 -16.36
N CYS C 193 33.40 38.11 -16.04
CA CYS C 193 33.08 37.18 -14.96
C CYS C 193 34.31 36.90 -14.10
N GLU C 194 34.27 37.34 -12.85
CA GLU C 194 35.35 37.09 -11.92
C GLU C 194 35.30 35.66 -11.42
N VAL C 195 36.41 34.95 -11.54
CA VAL C 195 36.47 33.54 -11.17
C VAL C 195 37.42 33.29 -10.00
N THR C 196 36.87 32.90 -8.86
CA THR C 196 37.68 32.61 -7.69
C THR C 196 37.81 31.11 -7.47
N HIS C 197 38.96 30.57 -7.80
CA HIS C 197 39.25 29.16 -7.53
C HIS C 197 40.49 29.03 -6.66
N GLN C 198 40.55 27.97 -5.85
CA GLN C 198 41.62 27.83 -4.87
C GLN C 198 42.97 27.52 -5.52
N GLY C 199 42.93 27.12 -6.78
CA GLY C 199 44.14 26.85 -7.55
C GLY C 199 44.68 28.10 -8.21
N LEU C 200 44.04 29.23 -7.92
CA LEU C 200 44.46 30.52 -8.47
C LEU C 200 44.94 31.43 -7.36
N SER C 201 46.15 31.96 -7.52
CA SER C 201 46.74 32.86 -6.53
C SER C 201 45.81 34.02 -6.19
N SER C 202 45.30 34.66 -7.23
CA SER C 202 44.37 35.76 -7.08
C SER C 202 43.21 35.61 -8.06
N PRO C 203 42.08 36.26 -7.79
CA PRO C 203 40.89 36.19 -8.64
C PRO C 203 41.21 36.55 -10.10
N VAL C 204 40.76 35.71 -11.02
CA VAL C 204 41.01 35.93 -12.44
C VAL C 204 39.76 36.39 -13.18
N THR C 205 39.82 37.58 -13.76
CA THR C 205 38.69 38.17 -14.48
C THR C 205 38.87 38.05 -15.99
N LYS C 206 37.80 37.66 -16.68
CA LYS C 206 37.82 37.52 -18.13
C LYS C 206 36.70 38.34 -18.74
N SER C 207 37.07 39.35 -19.55
CA SER C 207 36.09 40.28 -20.10
C SER C 207 36.19 40.45 -21.60
N PHE C 208 35.26 41.23 -22.16
CA PHE C 208 35.24 41.54 -23.59
C PHE C 208 34.48 42.85 -23.84
N ASN C 209 34.58 43.36 -25.05
CA ASN C 209 33.95 44.65 -25.38
C ASN C 209 33.17 44.67 -26.68
N GLU D 1 17.53 -13.80 -17.53
CA GLU D 1 16.37 -14.54 -17.03
C GLU D 1 15.33 -13.60 -16.42
N VAL D 2 15.56 -13.17 -15.19
CA VAL D 2 14.65 -12.25 -14.51
C VAL D 2 14.83 -10.83 -15.05
N GLN D 3 13.72 -10.10 -15.18
CA GLN D 3 13.78 -8.75 -15.73
C GLN D 3 12.54 -7.92 -15.39
N LEU D 4 12.70 -6.59 -15.43
CA LEU D 4 11.61 -5.66 -15.21
C LEU D 4 11.64 -4.57 -16.29
N VAL D 5 10.76 -4.70 -17.27
CA VAL D 5 10.76 -3.82 -18.43
C VAL D 5 9.70 -2.74 -18.34
N GLN D 6 10.13 -1.52 -18.01
CA GLN D 6 9.21 -0.40 -17.82
C GLN D 6 8.70 0.15 -19.14
N SER D 7 7.97 1.26 -19.07
CA SER D 7 7.44 1.89 -20.28
C SER D 7 8.32 3.06 -20.71
N GLY D 8 7.87 3.79 -21.73
CA GLY D 8 8.66 4.87 -22.30
C GLY D 8 8.44 6.22 -21.65
N ALA D 9 9.36 7.14 -21.91
CA ALA D 9 9.29 8.50 -21.38
C ALA D 9 7.94 9.14 -21.67
N GLU D 10 7.53 10.05 -20.81
CA GLU D 10 6.24 10.72 -21.00
C GLU D 10 6.28 12.19 -20.56
N VAL D 11 5.63 13.04 -21.34
CA VAL D 11 5.58 14.47 -21.04
C VAL D 11 4.19 14.87 -20.55
N LYS D 12 4.15 15.63 -19.47
CA LYS D 12 2.89 16.06 -18.88
C LYS D 12 2.91 17.53 -18.45
N LYS D 13 1.74 18.17 -18.42
CA LYS D 13 1.62 19.52 -17.93
C LYS D 13 1.23 19.49 -16.45
N PRO D 14 1.58 20.55 -15.71
CA PRO D 14 1.28 20.60 -14.26
C PRO D 14 -0.21 20.41 -13.99
N GLY D 15 -0.53 19.50 -13.07
CA GLY D 15 -1.91 19.21 -12.74
C GLY D 15 -2.39 17.90 -13.34
N ALA D 16 -1.65 17.40 -14.32
CA ALA D 16 -2.01 16.16 -15.00
C ALA D 16 -1.84 14.94 -14.10
N THR D 17 -1.98 13.75 -14.68
CA THR D 17 -1.83 12.51 -13.93
C THR D 17 -1.23 11.42 -14.81
N VAL D 18 0.02 11.05 -14.49
CA VAL D 18 0.74 10.05 -15.28
C VAL D 18 0.58 8.65 -14.70
N LYS D 19 0.64 7.64 -15.57
CA LYS D 19 0.53 6.26 -15.13
C LYS D 19 1.42 5.35 -15.97
N ILE D 20 2.58 4.99 -15.42
CA ILE D 20 3.54 4.14 -16.12
C ILE D 20 3.44 2.68 -15.70
N SER D 21 4.00 1.79 -16.53
CA SER D 21 3.91 0.36 -16.29
C SER D 21 5.28 -0.26 -16.01
N CYS D 22 5.29 -1.57 -15.84
CA CYS D 22 6.52 -2.31 -15.55
C CYS D 22 6.32 -3.82 -15.71
N LYS D 23 6.24 -4.28 -16.95
CA LYS D 23 6.02 -5.70 -17.22
C LYS D 23 7.19 -6.56 -16.69
N ALA D 24 6.85 -7.59 -15.90
CA ALA D 24 7.84 -8.41 -15.23
C ALA D 24 7.90 -9.83 -15.78
N SER D 25 9.08 -10.43 -15.74
CA SER D 25 9.28 -11.79 -16.24
C SER D 25 10.43 -12.49 -15.53
N GLY D 26 10.40 -13.82 -15.54
CA GLY D 26 11.50 -14.60 -14.99
C GLY D 26 11.21 -15.21 -13.63
N TYR D 27 10.05 -14.90 -13.08
CA TYR D 27 9.66 -15.41 -11.77
C TYR D 27 8.16 -15.29 -11.56
N THR D 28 7.65 -15.91 -10.49
CA THR D 28 6.24 -15.81 -10.15
C THR D 28 5.94 -14.42 -9.63
N PHE D 29 5.21 -13.64 -10.43
CA PHE D 29 4.98 -12.22 -10.13
C PHE D 29 4.23 -11.97 -8.84
N SER D 30 3.16 -12.74 -8.63
CA SER D 30 2.23 -12.48 -7.53
C SER D 30 2.73 -12.93 -6.16
N ASP D 31 3.90 -13.55 -6.11
CA ASP D 31 4.43 -14.08 -4.86
C ASP D 31 5.41 -13.13 -4.17
N PHE D 32 5.67 -11.99 -4.80
CA PHE D 32 6.69 -11.07 -4.30
C PHE D 32 6.24 -9.61 -4.32
N TYR D 33 6.73 -8.83 -3.35
CA TYR D 33 6.48 -7.40 -3.31
C TYR D 33 7.08 -6.73 -4.54
N MET D 34 6.57 -5.55 -4.87
CA MET D 34 7.20 -4.70 -5.88
C MET D 34 7.33 -3.29 -5.33
N TYR D 35 8.45 -2.64 -5.60
CA TYR D 35 8.73 -1.33 -5.05
C TYR D 35 8.92 -0.28 -6.14
N TRP D 36 8.63 0.97 -5.81
CA TRP D 36 8.81 2.08 -6.76
C TRP D 36 9.71 3.16 -6.19
N VAL D 37 10.66 3.62 -6.99
CA VAL D 37 11.61 4.64 -6.57
C VAL D 37 11.76 5.69 -7.68
N ARG D 38 11.91 6.94 -7.29
CA ARG D 38 12.15 7.99 -8.26
C ARG D 38 13.42 8.75 -7.92
N GLN D 39 14.05 9.35 -8.92
CA GLN D 39 15.29 10.06 -8.74
C GLN D 39 15.32 11.33 -9.58
N ALA D 40 15.21 12.47 -8.91
CA ALA D 40 15.27 13.76 -9.58
C ALA D 40 16.59 13.90 -10.32
N PRO D 41 16.63 14.78 -11.32
CA PRO D 41 17.86 14.98 -12.11
C PRO D 41 19.07 15.29 -11.24
N GLY D 42 19.99 14.33 -11.16
CA GLY D 42 21.22 14.53 -10.41
C GLY D 42 21.02 14.65 -8.90
N LYS D 43 19.97 14.01 -8.40
CA LYS D 43 19.70 14.03 -6.96
C LYS D 43 19.56 12.61 -6.43
N GLY D 44 19.56 12.48 -5.10
CA GLY D 44 19.53 11.19 -4.46
C GLY D 44 18.27 10.40 -4.73
N LEU D 45 18.37 9.08 -4.54
CA LEU D 45 17.22 8.18 -4.71
C LEU D 45 16.16 8.50 -3.68
N GLU D 46 14.90 8.22 -4.02
CA GLU D 46 13.78 8.50 -3.15
C GLU D 46 12.68 7.46 -3.31
N TRP D 47 12.46 6.66 -2.28
CA TRP D 47 11.45 5.62 -2.30
C TRP D 47 10.05 6.21 -2.34
N MET D 48 9.10 5.47 -2.90
CA MET D 48 7.74 5.98 -3.05
C MET D 48 6.66 5.07 -2.48
N GLY D 49 6.82 3.76 -2.64
CA GLY D 49 5.88 2.81 -2.10
C GLY D 49 6.11 1.37 -2.49
N LEU D 50 5.27 0.48 -1.98
CA LEU D 50 5.34 -0.94 -2.33
C LEU D 50 3.95 -1.54 -2.46
N ILE D 51 3.90 -2.84 -2.77
CA ILE D 51 2.62 -3.53 -2.88
C ILE D 51 2.77 -5.05 -2.93
N ASP D 52 1.94 -5.75 -2.15
CA ASP D 52 1.81 -7.18 -2.28
C ASP D 52 0.66 -7.47 -3.21
N PRO D 53 0.96 -7.96 -4.42
CA PRO D 53 -0.04 -8.18 -5.47
C PRO D 53 -1.19 -9.08 -5.03
N GLU D 54 -0.89 -10.08 -4.19
CA GLU D 54 -1.89 -11.02 -3.72
C GLU D 54 -3.11 -10.33 -3.11
N ASP D 55 -2.87 -9.53 -2.07
CA ASP D 55 -3.96 -8.86 -1.37
C ASP D 55 -4.00 -7.36 -1.70
N ALA D 56 -3.10 -6.93 -2.57
CA ALA D 56 -2.98 -5.53 -2.96
C ALA D 56 -2.69 -4.60 -1.78
N ASP D 57 -1.97 -5.12 -0.79
CA ASP D 57 -1.56 -4.32 0.35
C ASP D 57 -0.50 -3.31 -0.10
N THR D 58 -0.72 -2.03 0.21
CA THR D 58 0.17 -0.98 -0.26
C THR D 58 0.73 -0.12 0.87
N MET D 59 1.92 0.43 0.63
CA MET D 59 2.55 1.36 1.56
C MET D 59 3.11 2.55 0.78
N TYR D 60 3.02 3.75 1.33
CA TYR D 60 3.53 4.94 0.67
C TYR D 60 4.40 5.78 1.60
N ALA D 61 5.34 6.52 1.03
CA ALA D 61 6.12 7.49 1.79
C ALA D 61 5.23 8.69 2.11
N GLU D 62 5.57 9.41 3.17
CA GLU D 62 4.75 10.53 3.62
C GLU D 62 4.58 11.58 2.52
N LYS D 63 5.62 11.79 1.74
CA LYS D 63 5.65 12.84 0.73
C LYS D 63 4.74 12.54 -0.46
N PHE D 64 4.04 11.41 -0.42
CA PHE D 64 3.23 11.00 -1.56
C PHE D 64 1.83 10.50 -1.19
N ARG D 65 1.59 10.26 0.09
CA ARG D 65 0.29 9.76 0.55
C ARG D 65 -0.87 10.62 0.08
N GLY D 66 -1.92 9.97 -0.39
CA GLY D 66 -3.10 10.67 -0.88
C GLY D 66 -2.84 11.43 -2.16
N ARG D 67 -1.85 10.98 -2.91
CA ARG D 67 -1.48 11.64 -4.17
C ARG D 67 -0.86 10.64 -5.13
N VAL D 68 -0.54 9.46 -4.63
CA VAL D 68 0.06 8.42 -5.44
C VAL D 68 -0.70 7.10 -5.26
N THR D 69 -0.71 6.28 -6.30
CA THR D 69 -1.41 4.99 -6.22
C THR D 69 -0.67 3.88 -6.97
N ILE D 70 -0.40 2.79 -6.27
CA ILE D 70 0.31 1.65 -6.86
C ILE D 70 -0.61 0.45 -6.95
N THR D 71 -0.72 -0.12 -8.15
CA THR D 71 -1.51 -1.32 -8.36
C THR D 71 -0.67 -2.40 -9.03
N ALA D 72 -1.31 -3.52 -9.38
CA ALA D 72 -0.60 -4.65 -9.98
C ALA D 72 -1.54 -5.65 -10.63
N ASP D 73 -1.65 -5.57 -11.95
CA ASP D 73 -2.46 -6.52 -12.70
C ASP D 73 -1.81 -7.89 -12.68
N THR D 74 -2.27 -8.76 -11.77
CA THR D 74 -1.68 -10.07 -11.57
C THR D 74 -1.74 -10.97 -12.80
N SER D 75 -2.77 -10.79 -13.63
CA SER D 75 -2.98 -11.67 -14.78
C SER D 75 -1.94 -11.46 -15.89
N THR D 76 -1.49 -10.22 -16.06
CA THR D 76 -0.53 -9.91 -17.12
C THR D 76 0.88 -9.69 -16.58
N ASP D 77 1.09 -10.01 -15.30
CA ASP D 77 2.39 -9.82 -14.65
C ASP D 77 2.90 -8.40 -14.84
N THR D 78 1.99 -7.43 -14.71
CA THR D 78 2.35 -6.02 -14.90
C THR D 78 2.00 -5.20 -13.66
N GLY D 79 2.87 -4.24 -13.34
CA GLY D 79 2.61 -3.33 -12.25
C GLY D 79 2.50 -1.91 -12.77
N TYR D 80 1.61 -1.12 -12.17
CA TYR D 80 1.43 0.25 -12.61
C TYR D 80 1.69 1.23 -11.46
N LEU D 81 1.65 2.52 -11.78
CA LEU D 81 1.89 3.56 -10.79
C LEU D 81 1.27 4.87 -11.23
N GLU D 82 0.38 5.43 -10.41
CA GLU D 82 -0.31 6.66 -10.74
C GLU D 82 0.11 7.79 -9.82
N LEU D 83 0.24 8.99 -10.38
CA LEU D 83 0.59 10.18 -9.60
C LEU D 83 -0.36 11.34 -9.93
N SER D 84 -1.31 11.58 -9.04
CA SER D 84 -2.29 12.65 -9.22
C SER D 84 -1.65 14.01 -8.96
N SER D 85 -2.35 15.07 -9.37
CA SER D 85 -1.91 16.44 -9.13
C SER D 85 -0.40 16.62 -9.29
N LEU D 86 0.07 16.47 -10.52
CA LEU D 86 1.50 16.60 -10.81
C LEU D 86 1.98 18.04 -10.63
N ARG D 87 3.24 18.19 -10.24
CA ARG D 87 3.83 19.50 -10.00
C ARG D 87 5.06 19.70 -10.87
N SER D 88 5.84 20.74 -10.57
CA SER D 88 7.05 21.03 -11.32
C SER D 88 8.25 20.28 -10.75
N GLU D 89 8.18 19.92 -9.47
CA GLU D 89 9.29 19.25 -8.80
C GLU D 89 9.17 17.73 -8.88
N ASP D 90 8.19 17.25 -9.66
CA ASP D 90 7.99 15.83 -9.82
C ASP D 90 8.75 15.29 -11.04
N THR D 91 9.47 16.18 -11.71
CA THR D 91 10.29 15.81 -12.86
C THR D 91 11.46 14.93 -12.41
N ALA D 92 11.37 13.64 -12.72
CA ALA D 92 12.43 12.69 -12.33
C ALA D 92 12.31 11.38 -13.09
N VAL D 93 13.34 10.55 -12.95
CA VAL D 93 13.32 9.20 -13.52
C VAL D 93 12.64 8.26 -12.53
N TYR D 94 11.79 7.38 -13.03
CA TYR D 94 11.05 6.47 -12.16
C TYR D 94 11.47 5.02 -12.37
N TYR D 95 12.01 4.42 -11.32
CA TYR D 95 12.43 3.02 -11.36
C TYR D 95 11.41 2.14 -10.67
N CYS D 96 11.34 0.88 -11.09
CA CYS D 96 10.61 -0.14 -10.35
C CYS D 96 11.55 -1.27 -10.04
N ALA D 97 11.47 -1.82 -8.84
CA ALA D 97 12.36 -2.88 -8.42
C ALA D 97 11.59 -4.02 -7.75
N ALA D 98 12.28 -5.11 -7.50
CA ALA D 98 11.68 -6.27 -6.85
C ALA D 98 12.76 -7.07 -6.14
N ASP D 99 12.35 -8.17 -5.51
CA ASP D 99 13.31 -8.97 -4.74
C ASP D 99 12.88 -10.43 -4.74
N PRO D 100 12.95 -11.08 -5.91
CA PRO D 100 12.54 -12.48 -6.09
C PRO D 100 13.35 -13.46 -5.25
N TRP D 101 14.33 -12.95 -4.50
CA TRP D 101 15.12 -13.83 -3.65
C TRP D 101 14.94 -13.48 -2.17
N GLU D 102 14.14 -12.45 -1.89
CA GLU D 102 13.73 -12.15 -0.53
C GLU D 102 14.89 -11.79 0.40
N LEU D 103 15.80 -10.96 -0.10
CA LEU D 103 16.93 -10.49 0.69
C LEU D 103 16.53 -9.21 1.42
N ASN D 104 15.29 -8.78 1.21
CA ASN D 104 14.80 -7.52 1.75
C ASN D 104 15.61 -6.32 1.27
N ALA D 105 15.81 -6.26 -0.04
CA ALA D 105 16.49 -5.16 -0.68
C ALA D 105 16.18 -5.27 -2.16
N PHE D 106 16.47 -4.22 -2.92
CA PHE D 106 16.13 -4.22 -4.33
C PHE D 106 17.23 -4.86 -5.18
N ASN D 107 16.95 -6.09 -5.64
CA ASN D 107 17.91 -6.86 -6.41
C ASN D 107 17.74 -6.61 -7.90
N VAL D 108 16.50 -6.64 -8.37
CA VAL D 108 16.21 -6.40 -9.77
C VAL D 108 15.63 -5.01 -9.99
N TRP D 109 16.01 -4.38 -11.10
CA TRP D 109 15.56 -3.02 -11.40
C TRP D 109 15.05 -2.89 -12.83
N GLY D 110 14.34 -1.81 -13.09
CA GLY D 110 13.88 -1.50 -14.43
C GLY D 110 14.85 -0.57 -15.11
N GLN D 111 14.70 -0.39 -16.41
CA GLN D 111 15.60 0.47 -17.17
C GLN D 111 15.32 1.95 -16.88
N GLY D 112 14.14 2.23 -16.34
CA GLY D 112 13.78 3.59 -15.97
C GLY D 112 12.73 4.21 -16.88
N THR D 113 12.02 5.19 -16.35
CA THR D 113 11.02 5.91 -17.13
C THR D 113 11.08 7.41 -16.82
N LEU D 114 11.59 8.18 -17.78
CA LEU D 114 11.75 9.62 -17.58
C LEU D 114 10.40 10.33 -17.70
N VAL D 115 9.99 11.01 -16.62
CA VAL D 115 8.77 11.79 -16.65
C VAL D 115 9.07 13.28 -16.47
N SER D 116 8.76 14.05 -17.50
CA SER D 116 9.04 15.49 -17.51
C SER D 116 7.75 16.30 -17.39
N VAL D 117 7.64 17.08 -16.32
CA VAL D 117 6.43 17.85 -16.07
C VAL D 117 6.71 19.36 -16.06
N SER D 118 6.23 20.05 -17.10
CA SER D 118 6.44 21.49 -17.22
C SER D 118 5.29 22.17 -17.96
N SER D 119 5.35 23.49 -18.06
CA SER D 119 4.32 24.27 -18.74
C SER D 119 4.44 24.18 -20.24
N ALA D 120 5.66 24.10 -20.75
CA ALA D 120 5.91 24.05 -22.19
C ALA D 120 5.68 22.66 -22.75
N SER D 121 5.59 22.56 -24.07
CA SER D 121 5.45 21.27 -24.74
C SER D 121 6.67 20.99 -25.60
N THR D 122 6.80 19.76 -26.08
CA THR D 122 7.95 19.35 -26.89
C THR D 122 8.30 20.38 -27.97
N LYS D 123 9.48 20.96 -27.85
CA LYS D 123 9.94 21.98 -28.78
C LYS D 123 11.42 21.81 -29.09
N GLY D 124 11.75 21.71 -30.37
CA GLY D 124 13.12 21.53 -30.80
C GLY D 124 14.05 22.64 -30.35
N PRO D 125 15.36 22.38 -30.39
CA PRO D 125 16.39 23.30 -29.90
C PRO D 125 16.79 24.34 -30.93
N SER D 126 16.99 25.55 -30.49
CA SER D 126 17.54 26.57 -31.37
C SER D 126 19.05 26.62 -31.16
N VAL D 127 19.80 26.16 -32.15
CA VAL D 127 21.26 26.05 -32.02
C VAL D 127 21.98 27.32 -32.48
N PHE D 128 22.84 27.85 -31.62
CA PHE D 128 23.62 29.04 -31.95
C PHE D 128 25.11 28.77 -31.71
N PRO D 129 25.94 29.06 -32.71
CA PRO D 129 27.39 28.77 -32.70
C PRO D 129 28.14 29.45 -31.55
N LEU D 130 29.37 28.99 -31.30
CA LEU D 130 30.25 29.60 -30.31
C LEU D 130 31.68 29.56 -30.82
N ALA D 131 32.01 30.52 -31.70
CA ALA D 131 33.28 30.52 -32.42
C ALA D 131 34.44 31.07 -31.57
N PRO D 132 35.68 30.69 -31.95
CA PRO D 132 36.92 31.15 -31.31
C PRO D 132 37.14 32.66 -31.41
N SER D 133 37.66 33.26 -30.35
CA SER D 133 37.93 34.69 -30.34
C SER D 133 39.15 35.05 -31.19
N SER D 134 40.34 34.87 -30.63
CA SER D 134 41.57 35.15 -31.34
C SER D 134 42.17 33.86 -31.92
N LYS D 135 42.43 33.84 -33.22
CA LYS D 135 42.89 32.62 -33.88
C LYS D 135 44.41 32.53 -34.08
N SER D 136 44.82 32.01 -35.23
CA SER D 136 46.20 31.57 -35.47
C SER D 136 47.26 32.68 -35.45
N THR D 137 47.46 33.27 -34.28
CA THR D 137 48.54 34.22 -34.02
C THR D 137 48.65 34.35 -32.50
N SER D 138 47.74 33.67 -31.81
CA SER D 138 47.62 33.79 -30.36
C SER D 138 48.30 32.65 -29.62
N GLY D 139 47.51 31.68 -29.18
CA GLY D 139 48.00 30.59 -28.36
C GLY D 139 48.23 29.30 -29.12
N GLY D 140 48.10 28.17 -28.41
CA GLY D 140 48.30 26.86 -29.00
C GLY D 140 47.04 26.04 -29.07
N THR D 141 46.10 26.34 -28.18
CA THR D 141 44.80 25.65 -28.17
C THR D 141 43.68 26.64 -27.87
N ALA D 142 42.60 26.55 -28.64
CA ALA D 142 41.46 27.45 -28.47
C ALA D 142 40.17 26.67 -28.31
N ALA D 143 39.25 27.23 -27.52
CA ALA D 143 37.97 26.59 -27.25
C ALA D 143 36.95 26.89 -28.34
N LEU D 144 35.96 26.00 -28.47
CA LEU D 144 34.98 26.07 -29.53
C LEU D 144 33.78 25.22 -29.14
N GLY D 145 32.68 25.34 -29.85
CA GLY D 145 31.52 24.50 -29.58
C GLY D 145 30.16 25.05 -30.00
N CYS D 146 29.11 24.31 -29.63
CA CYS D 146 27.75 24.68 -29.99
C CYS D 146 26.95 25.08 -28.75
N LEU D 147 25.75 25.63 -28.97
CA LEU D 147 24.84 25.97 -27.88
C LEU D 147 23.42 25.55 -28.24
N VAL D 148 22.87 24.63 -27.45
CA VAL D 148 21.51 24.17 -27.65
C VAL D 148 20.56 24.82 -26.66
N LYS D 149 19.82 25.83 -27.13
CA LYS D 149 18.97 26.61 -26.23
C LYS D 149 17.49 26.32 -26.44
N ASP D 150 16.70 26.60 -25.41
CA ASP D 150 15.24 26.49 -25.46
C ASP D 150 14.76 25.19 -26.13
N TYR D 151 14.59 24.15 -25.32
CA TYR D 151 14.03 22.89 -25.80
C TYR D 151 13.35 22.14 -24.67
N PHE D 152 12.56 21.13 -25.01
CA PHE D 152 11.81 20.38 -24.02
C PHE D 152 11.12 19.18 -24.66
N PRO D 153 11.17 18.03 -23.98
CA PRO D 153 11.97 17.84 -22.77
C PRO D 153 13.31 17.22 -23.13
N GLU D 154 13.96 16.58 -22.15
CA GLU D 154 15.15 15.79 -22.39
C GLU D 154 14.70 14.47 -23.01
N PRO D 155 15.64 13.70 -23.59
CA PRO D 155 17.07 14.00 -23.67
C PRO D 155 17.46 14.68 -24.97
N VAL D 156 18.76 14.86 -25.16
CA VAL D 156 19.32 15.38 -26.40
C VAL D 156 20.79 14.98 -26.50
N THR D 157 21.11 14.17 -27.50
CA THR D 157 22.47 13.66 -27.67
C THR D 157 23.25 14.44 -28.71
N VAL D 158 24.51 14.73 -28.38
CA VAL D 158 25.37 15.52 -29.25
C VAL D 158 26.69 14.80 -29.54
N SER D 159 27.08 14.79 -30.81
CA SER D 159 28.37 14.23 -31.21
C SER D 159 29.12 15.25 -32.06
N TRP D 160 30.27 14.86 -32.59
CA TRP D 160 31.07 15.76 -33.42
C TRP D 160 31.71 15.05 -34.60
N ASN D 161 31.45 15.57 -35.79
CA ASN D 161 31.97 14.98 -37.02
C ASN D 161 31.48 13.56 -37.20
N SER D 162 30.21 13.33 -36.88
CA SER D 162 29.57 12.04 -37.08
C SER D 162 30.22 10.93 -36.25
N GLY D 163 30.79 11.31 -35.11
CA GLY D 163 31.41 10.35 -34.21
C GLY D 163 32.92 10.25 -34.34
N ALA D 164 33.50 11.11 -35.17
CA ALA D 164 34.94 11.09 -35.42
C ALA D 164 35.72 11.83 -34.35
N LEU D 165 35.25 13.02 -33.99
CA LEU D 165 35.93 13.85 -33.00
C LEU D 165 35.35 13.64 -31.60
N THR D 166 35.96 12.75 -30.83
CA THR D 166 35.57 12.54 -29.44
C THR D 166 36.75 12.79 -28.53
N SER D 167 37.51 13.85 -28.82
CA SER D 167 38.69 14.20 -28.03
C SER D 167 38.64 15.66 -27.62
N GLY D 168 38.49 15.88 -26.32
CA GLY D 168 38.38 17.23 -25.78
C GLY D 168 36.93 17.69 -25.76
N VAL D 169 36.03 16.76 -26.07
CA VAL D 169 34.60 17.04 -26.09
C VAL D 169 34.03 17.12 -24.67
N HIS D 170 33.30 18.19 -24.37
CA HIS D 170 32.68 18.36 -23.06
C HIS D 170 31.22 18.79 -23.18
N THR D 171 30.34 17.81 -23.26
CA THR D 171 28.91 18.07 -23.36
C THR D 171 28.31 18.27 -21.97
N PHE D 172 28.15 19.53 -21.57
CA PHE D 172 27.63 19.86 -20.25
C PHE D 172 26.20 19.36 -20.07
N PRO D 173 25.80 19.07 -18.83
CA PRO D 173 24.42 18.66 -18.54
C PRO D 173 23.49 19.83 -18.80
N ALA D 174 22.24 19.55 -19.14
CA ALA D 174 21.28 20.61 -19.41
C ALA D 174 20.88 21.33 -18.14
N VAL D 175 20.31 22.52 -18.29
CA VAL D 175 19.81 23.28 -17.15
C VAL D 175 18.42 23.82 -17.44
N LEU D 176 17.53 23.77 -16.44
CA LEU D 176 16.19 24.31 -16.60
C LEU D 176 16.16 25.79 -16.28
N GLN D 177 15.55 26.59 -17.14
CA GLN D 177 15.52 28.03 -16.98
C GLN D 177 14.26 28.48 -16.25
N SER D 178 14.12 29.80 -16.10
CA SER D 178 12.93 30.39 -15.49
C SER D 178 11.75 30.26 -16.45
N SER D 179 12.06 29.93 -17.70
CA SER D 179 11.04 29.82 -18.73
C SER D 179 10.47 28.41 -18.85
N GLY D 180 11.21 27.42 -18.35
CA GLY D 180 10.77 26.04 -18.41
C GLY D 180 11.32 25.30 -19.62
N LEU D 181 12.46 25.79 -20.12
CA LEU D 181 13.12 25.14 -21.26
C LEU D 181 14.59 24.87 -20.95
N TYR D 182 15.01 23.63 -21.18
CA TYR D 182 16.39 23.25 -20.94
C TYR D 182 17.33 23.97 -21.91
N SER D 183 18.63 23.89 -21.64
CA SER D 183 19.61 24.60 -22.45
C SER D 183 21.03 24.18 -22.10
N LEU D 184 21.55 23.19 -22.82
CA LEU D 184 22.92 22.72 -22.61
C LEU D 184 23.89 23.42 -23.55
N SER D 185 25.12 22.93 -23.57
CA SER D 185 26.15 23.49 -24.43
C SER D 185 27.32 22.53 -24.57
N SER D 186 27.66 22.18 -25.81
CA SER D 186 28.79 21.30 -26.07
C SER D 186 30.00 22.13 -26.53
N VAL D 187 31.18 21.72 -26.10
CA VAL D 187 32.42 22.40 -26.52
C VAL D 187 33.51 21.39 -26.83
N VAL D 188 34.64 21.89 -27.34
CA VAL D 188 35.80 21.04 -27.60
C VAL D 188 37.03 21.90 -27.85
N THR D 189 38.15 21.53 -27.24
CA THR D 189 39.40 22.25 -27.44
C THR D 189 40.23 21.60 -28.52
N VAL D 190 40.82 22.43 -29.37
CA VAL D 190 41.64 21.95 -30.48
C VAL D 190 42.78 22.94 -30.73
N PRO D 191 43.79 22.51 -31.49
CA PRO D 191 44.90 23.40 -31.87
C PRO D 191 44.40 24.62 -32.64
N SER D 192 44.83 25.80 -32.22
CA SER D 192 44.40 27.04 -32.88
C SER D 192 45.04 27.21 -34.26
N SER D 193 45.87 26.24 -34.65
CA SER D 193 46.53 26.27 -35.95
C SER D 193 45.70 25.55 -37.00
N SER D 194 44.98 24.52 -36.57
CA SER D 194 44.17 23.71 -37.48
C SER D 194 42.75 24.27 -37.65
N LEU D 195 42.57 25.51 -37.21
CA LEU D 195 41.26 26.16 -37.32
C LEU D 195 40.93 26.56 -38.76
N GLY D 196 41.93 27.08 -39.46
CA GLY D 196 41.73 27.59 -40.81
C GLY D 196 41.44 26.51 -41.84
N THR D 197 41.83 25.28 -41.54
CA THR D 197 41.66 24.18 -42.49
C THR D 197 40.55 23.22 -42.09
N GLN D 198 40.59 22.76 -40.84
CA GLN D 198 39.61 21.78 -40.35
C GLN D 198 38.24 22.41 -40.11
N THR D 199 37.19 21.68 -40.48
CA THR D 199 35.82 22.13 -40.27
C THR D 199 35.14 21.27 -39.22
N TYR D 200 34.64 21.90 -38.17
CA TYR D 200 34.03 21.17 -37.07
C TYR D 200 32.50 21.21 -37.09
N ILE D 201 31.88 20.04 -37.15
CA ILE D 201 30.43 19.93 -37.22
C ILE D 201 29.89 19.13 -36.04
N CYS D 202 28.95 19.72 -35.30
CA CYS D 202 28.33 19.02 -34.19
C CYS D 202 26.97 18.45 -34.58
N ASN D 203 26.69 17.24 -34.11
CA ASN D 203 25.45 16.56 -34.47
C ASN D 203 24.48 16.46 -33.29
N VAL D 204 23.38 17.22 -33.38
CA VAL D 204 22.37 17.23 -32.32
C VAL D 204 21.24 16.25 -32.65
N ASN D 205 20.52 15.81 -31.63
CA ASN D 205 19.40 14.91 -31.84
C ASN D 205 18.37 15.00 -30.70
N HIS D 206 17.31 15.78 -30.94
CA HIS D 206 16.23 15.92 -29.97
C HIS D 206 15.13 14.91 -30.25
N LYS D 207 15.30 13.70 -29.73
CA LYS D 207 14.36 12.60 -29.96
C LYS D 207 12.89 12.94 -29.67
N PRO D 208 12.63 13.73 -28.62
CA PRO D 208 11.25 14.13 -28.33
C PRO D 208 10.54 14.76 -29.53
N SER D 209 11.08 15.85 -30.05
CA SER D 209 10.47 16.54 -31.20
C SER D 209 11.00 16.01 -32.53
N ASN D 210 11.61 14.83 -32.49
CA ASN D 210 12.12 14.16 -33.68
C ASN D 210 13.07 15.03 -34.49
N THR D 211 13.79 15.91 -33.81
CA THR D 211 14.66 16.88 -34.46
C THR D 211 16.08 16.33 -34.68
N LYS D 212 16.64 16.62 -35.85
CA LYS D 212 18.01 16.26 -36.16
C LYS D 212 18.69 17.46 -36.79
N VAL D 213 19.64 18.06 -36.06
CA VAL D 213 20.27 19.30 -36.52
C VAL D 213 21.79 19.26 -36.49
N ASP D 214 22.40 19.64 -37.61
CA ASP D 214 23.84 19.78 -37.70
C ASP D 214 24.22 21.25 -37.81
N LYS D 215 25.45 21.59 -37.38
CA LYS D 215 25.89 22.98 -37.41
C LYS D 215 27.40 23.09 -37.59
N LYS D 216 27.83 24.12 -38.33
CA LYS D 216 29.24 24.37 -38.57
C LYS D 216 29.70 25.57 -37.75
N VAL D 217 30.99 25.60 -37.41
CA VAL D 217 31.54 26.73 -36.67
C VAL D 217 32.76 27.31 -37.38
N GLU D 218 32.98 28.62 -37.23
CA GLU D 218 33.99 29.32 -38.02
C GLU D 218 34.46 30.62 -37.38
N PRO D 219 35.77 30.82 -37.29
CA PRO D 219 36.39 32.04 -36.78
C PRO D 219 36.86 32.95 -37.91
N LYS D 220 36.28 32.77 -39.10
CA LYS D 220 36.74 33.49 -40.29
C LYS D 220 36.77 35.01 -40.10
#